data_5OX0
#
_entry.id   5OX0
#
_cell.length_a   128.550
_cell.length_b   128.550
_cell.length_c   116.240
_cell.angle_alpha   90.00
_cell.angle_beta   90.00
_cell.angle_gamma   90.00
#
_symmetry.space_group_name_H-M   'P 43 21 2'
#
loop_
_entity.id
_entity.type
_entity.pdbx_description
1 polymer 'Glycogen phosphorylase, muscle form'
2 non-polymer (1S)-1,5-anhydro-1-(3-{4-[hydroxy(oxo)azaniumyl]phenyl}-1H-1,2,4-triazol-5-yl)-D-glucitol
3 non-polymer "PYRIDOXAL-5'-PHOSPHATE"
4 non-polymer 'INOSINIC ACID'
5 water water
#
_entity_poly.entity_id   1
_entity_poly.type   'polypeptide(L)'
_entity_poly.pdbx_seq_one_letter_code
;MSRPLSDQEKRKQISVRGLAGVENVTELKKNFNRHLHFTLVKDRNVATPRDYYFALAHTVRDHLVGRWIRTQQHYYEKDP
KRIYYLSLEFYMGRTLQNTMVNLALENACDEATYQLGLDMEELEEIEEDAGLGNGGLGRLAACFLDSMATLGLAAYGYGI
RYEFGIFNQKI(CSO)GGWQMEEADDWLRYGNPWEKARPEFTLPVHFYGRVEHTSQGAKWVDTQVVLAMPYDTPVPGYRN
NVVNTMRLWSAKAPNDFNLKDFNVGGYIQAVLDRNLAENISRVLYPNDNFFEGKELRLKQEYFVVAATLQDIIRRFKSSK
FGCRDPVRTNFDAFPDKVAIQLNDTHPSLAIPELMRVLVDLERLDWDKAWEVTVKTCAYTNHTVLPEALERWPVHLLETL
LPRHLQIIYEINQRFLNRVAAAFPGDVDRLRRMSLVEEGAVKRINMAHLCIAGSHAVNGVARIHSEILKKTIFKDFYELE
PHKFQNKTNGITPRRWLVLCNPGLAEIIAERIGEEYISDLDQLRKLLSYVDDEAFIRDVAKVKQENKLKFAAYLEREYKV
HINPNSLFDVQVKRIHEYKRQLLNCLHVITLYNRIKKEPNKFVVPRTVMIGGKAAPGYHMAKMIIKLITAIGDVVNHDPV
VGDRLRVIFLENYRVSLAEKVIPAADLSEQISTAGTEASGTGNMKFMLNGALTIGTMDGANVEMAEEAGEENFFIFGMRV
EDVDRLDQRGYNAQEYYDRIPELRQIIEQLSSGFFSPKQPDLFKDIVNMLMHHDRFKVFADYEEYVKCQERVSALYKNPR
EWTRMVIRNIATSGKFSSDRTIAQYAREIWGVEPSRQRLPAPDEKIP
;
_entity_poly.pdbx_strand_id   A
#
loop_
_chem_comp.id
_chem_comp.type
_chem_comp.name
_chem_comp.formula
B1H D-saccharide (1S)-1,5-anhydro-1-(3-{4-[hydroxy(oxo)azaniumyl]phenyl}-1H-1,2,4-triazol-5-yl)-D-glucitol 'C14 H17 N4 O7 1'
IMP non-polymer 'INOSINIC ACID' 'C10 H13 N4 O8 P'
PLP non-polymer PYRIDOXAL-5'-PHOSPHATE 'C8 H10 N O6 P'
#
# COMPACT_ATOMS: atom_id res chain seq x y z
N GLN A 13 -27.40 8.13 -14.86
CA GLN A 13 -28.14 8.62 -13.64
C GLN A 13 -27.45 9.80 -12.89
N ILE A 14 -26.16 9.65 -12.51
CA ILE A 14 -25.41 10.70 -11.78
C ILE A 14 -24.33 11.35 -12.66
N SER A 15 -24.19 12.68 -12.52
CA SER A 15 -23.39 13.53 -13.43
C SER A 15 -21.89 13.18 -13.52
N VAL A 16 -21.25 12.95 -12.38
CA VAL A 16 -19.80 12.60 -12.34
C VAL A 16 -19.41 11.29 -13.07
N ARG A 17 -20.41 10.47 -13.43
CA ARG A 17 -20.17 9.25 -14.23
C ARG A 17 -20.18 9.47 -15.76
N GLY A 18 -20.41 10.71 -16.20
CA GLY A 18 -20.26 11.09 -17.62
C GLY A 18 -21.53 10.96 -18.44
N LEU A 19 -21.40 11.19 -19.75
CA LEU A 19 -22.55 11.17 -20.68
C LEU A 19 -22.84 9.78 -21.24
N ALA A 20 -24.13 9.46 -21.41
CA ALA A 20 -24.56 8.26 -22.13
C ALA A 20 -25.21 8.66 -23.45
N GLY A 21 -24.39 9.10 -24.41
CA GLY A 21 -24.84 9.48 -25.75
C GLY A 21 -25.28 8.29 -26.61
N VAL A 22 -26.35 8.47 -27.38
CA VAL A 22 -26.93 7.40 -28.21
C VAL A 22 -25.91 6.68 -29.12
N GLU A 23 -24.99 7.47 -29.71
CA GLU A 23 -23.95 6.93 -30.61
C GLU A 23 -22.99 6.02 -29.84
N ASN A 24 -22.51 6.54 -28.70
CA ASN A 24 -21.60 5.81 -27.85
C ASN A 24 -22.20 4.49 -27.35
N VAL A 25 -23.43 4.56 -26.84
CA VAL A 25 -24.14 3.39 -26.31
C VAL A 25 -24.32 2.32 -27.40
N THR A 26 -24.71 2.74 -28.59
CA THR A 26 -24.88 1.82 -29.73
C THR A 26 -23.56 1.09 -30.08
N GLU A 27 -22.47 1.86 -30.08
CA GLU A 27 -21.14 1.34 -30.43
C GLU A 27 -20.60 0.37 -29.36
N LEU A 28 -20.79 0.71 -28.09
CA LEU A 28 -20.44 -0.19 -26.99
C LEU A 28 -21.20 -1.51 -27.06
N LYS A 29 -22.50 -1.46 -27.33
CA LYS A 29 -23.31 -2.67 -27.47
C LYS A 29 -22.80 -3.58 -28.62
N LYS A 30 -22.50 -2.98 -29.75
CA LYS A 30 -21.97 -3.68 -30.92
C LYS A 30 -20.62 -4.37 -30.62
N ASN A 31 -19.72 -3.65 -29.96
CA ASN A 31 -18.42 -4.19 -29.62
C ASN A 31 -18.48 -5.24 -28.52
N PHE A 32 -19.39 -5.08 -27.57
CA PHE A 32 -19.64 -6.10 -26.57
C PHE A 32 -20.03 -7.44 -27.25
N ASN A 33 -20.98 -7.38 -28.17
CA ASN A 33 -21.44 -8.57 -28.90
C ASN A 33 -20.34 -9.15 -29.79
N ARG A 34 -19.52 -8.27 -30.38
CA ARG A 34 -18.38 -8.70 -31.16
C ARG A 34 -17.38 -9.51 -30.31
N HIS A 35 -17.04 -8.98 -29.14
CA HIS A 35 -16.10 -9.70 -28.26
C HIS A 35 -16.69 -11.01 -27.71
N LEU A 36 -17.97 -11.03 -27.40
CA LEU A 36 -18.59 -12.23 -26.88
C LEU A 36 -18.46 -13.38 -27.90
N HIS A 37 -18.68 -13.06 -29.18
CA HIS A 37 -18.66 -14.00 -30.27
C HIS A 37 -17.21 -14.33 -30.64
N PHE A 38 -16.45 -13.34 -31.09
CA PHE A 38 -15.10 -13.58 -31.64
C PHE A 38 -13.98 -13.78 -30.63
N THR A 39 -13.98 -13.07 -29.52
CA THR A 39 -12.91 -13.16 -28.55
C THR A 39 -13.17 -14.29 -27.59
N LEU A 40 -14.40 -14.40 -27.08
CA LEU A 40 -14.70 -15.42 -26.08
C LEU A 40 -15.20 -16.73 -26.67
N VAL A 41 -15.68 -16.71 -27.93
CA VAL A 41 -16.21 -17.89 -28.63
C VAL A 41 -17.35 -18.51 -27.83
N LYS A 42 -18.35 -17.69 -27.52
CA LYS A 42 -19.57 -18.13 -26.82
C LYS A 42 -20.78 -17.58 -27.58
N ASP A 43 -21.91 -18.28 -27.56
CA ASP A 43 -23.20 -17.63 -27.94
C ASP A 43 -23.92 -17.24 -26.67
N ARG A 44 -24.87 -16.32 -26.77
CA ARG A 44 -25.66 -15.82 -25.63
C ARG A 44 -26.33 -16.97 -24.85
N ASN A 45 -26.62 -18.10 -25.51
CA ASN A 45 -27.36 -19.20 -24.85
C ASN A 45 -26.58 -19.95 -23.77
N VAL A 46 -25.25 -19.96 -23.84
CA VAL A 46 -24.46 -20.59 -22.78
C VAL A 46 -23.48 -19.64 -22.06
N ALA A 47 -23.58 -18.34 -22.31
CA ALA A 47 -22.71 -17.37 -21.65
C ALA A 47 -23.09 -17.24 -20.19
N THR A 48 -22.08 -17.19 -19.33
CA THR A 48 -22.25 -16.96 -17.90
C THR A 48 -21.93 -15.51 -17.58
N PRO A 49 -22.29 -15.08 -16.35
CA PRO A 49 -21.86 -13.74 -15.93
C PRO A 49 -20.36 -13.50 -16.13
N ARG A 50 -19.51 -14.51 -15.95
CA ARG A 50 -18.07 -14.33 -16.15
C ARG A 50 -17.73 -14.01 -17.60
N ASP A 51 -18.41 -14.67 -18.53
CA ASP A 51 -18.21 -14.37 -19.95
C ASP A 51 -18.63 -12.93 -20.24
N TYR A 52 -19.71 -12.47 -19.63
CA TYR A 52 -20.17 -11.11 -19.80
C TYR A 52 -19.21 -10.08 -19.24
N TYR A 53 -18.64 -10.35 -18.06
CA TYR A 53 -17.56 -9.53 -17.53
C TYR A 53 -16.40 -9.41 -18.54
N PHE A 54 -15.91 -10.53 -19.07
CA PHE A 54 -14.79 -10.48 -20.04
C PHE A 54 -15.13 -9.71 -21.32
N ALA A 55 -16.34 -9.86 -21.81
CA ALA A 55 -16.77 -9.15 -23.01
C ALA A 55 -16.77 -7.64 -22.73
N LEU A 56 -17.20 -7.24 -21.54
CA LEU A 56 -17.17 -5.82 -21.17
C LEU A 56 -15.75 -5.31 -21.01
N ALA A 57 -14.91 -6.07 -20.30
CA ALA A 57 -13.51 -5.69 -20.11
C ALA A 57 -12.77 -5.51 -21.45
N HIS A 58 -12.98 -6.43 -22.37
CA HIS A 58 -12.36 -6.29 -23.71
C HIS A 58 -12.89 -5.05 -24.44
N THR A 59 -14.18 -4.74 -24.26
CA THR A 59 -14.79 -3.59 -24.90
C THR A 59 -14.18 -2.29 -24.39
N VAL A 60 -14.01 -2.19 -23.08
CA VAL A 60 -13.42 -1.02 -22.45
C VAL A 60 -11.92 -0.91 -22.77
N ARG A 61 -11.23 -2.04 -22.77
CA ARG A 61 -9.81 -2.09 -23.12
C ARG A 61 -9.54 -1.51 -24.51
N ASP A 62 -10.40 -1.80 -25.49
CA ASP A 62 -10.24 -1.27 -26.84
C ASP A 62 -10.13 0.28 -26.85
N HIS A 63 -10.88 0.95 -25.97
CA HIS A 63 -10.80 2.43 -25.82
C HIS A 63 -9.48 2.96 -25.24
N LEU A 64 -8.75 2.15 -24.52
CA LEU A 64 -7.44 2.51 -23.98
C LEU A 64 -6.35 2.49 -25.05
N VAL A 65 -6.51 1.62 -26.05
CA VAL A 65 -5.38 1.23 -26.91
C VAL A 65 -4.85 2.37 -27.75
N GLY A 66 -5.74 3.13 -28.35
CA GLY A 66 -5.35 4.23 -29.21
C GLY A 66 -4.59 5.26 -28.41
N ARG A 67 -5.10 5.53 -27.21
CA ARG A 67 -4.50 6.51 -26.31
C ARG A 67 -3.13 6.05 -25.80
N TRP A 68 -3.01 4.76 -25.52
CA TRP A 68 -1.76 4.15 -25.07
C TRP A 68 -0.67 4.25 -26.13
N ILE A 69 -1.00 3.85 -27.35
CA ILE A 69 -0.07 3.93 -28.47
C ILE A 69 0.37 5.38 -28.69
N ARG A 70 -0.58 6.31 -28.69
CA ARG A 70 -0.22 7.70 -29.01
C ARG A 70 0.50 8.41 -27.87
N THR A 71 0.19 8.06 -26.62
CA THR A 71 0.97 8.55 -25.49
C THR A 71 2.44 8.14 -25.61
N GLN A 72 2.66 6.84 -25.82
CA GLN A 72 4.05 6.32 -25.89
C GLN A 72 4.80 6.91 -27.12
N GLN A 73 4.08 7.11 -28.22
CA GLN A 73 4.60 7.81 -29.41
C GLN A 73 5.02 9.26 -29.07
N HIS A 74 4.14 9.99 -28.39
CA HIS A 74 4.41 11.35 -27.92
C HIS A 74 5.70 11.44 -27.07
N TYR A 75 5.93 10.48 -26.17
CA TYR A 75 7.15 10.47 -25.36
C TYR A 75 8.40 10.22 -26.20
N TYR A 76 8.30 9.35 -27.19
CA TYR A 76 9.42 9.07 -28.08
C TYR A 76 9.79 10.34 -28.87
N GLU A 77 8.79 11.08 -29.32
CA GLU A 77 9.00 12.29 -30.12
C GLU A 77 9.50 13.48 -29.31
N LYS A 78 8.82 13.80 -28.21
CA LYS A 78 9.19 14.93 -27.35
C LYS A 78 10.43 14.68 -26.46
N ASP A 79 10.71 13.41 -26.18
CA ASP A 79 11.85 13.01 -25.34
C ASP A 79 11.94 13.76 -23.98
N PRO A 80 10.85 13.71 -23.19
CA PRO A 80 10.87 14.34 -21.87
C PRO A 80 11.74 13.53 -20.93
N LYS A 81 12.10 14.09 -19.79
CA LYS A 81 12.73 13.32 -18.73
C LYS A 81 11.77 12.20 -18.26
N ARG A 82 12.30 10.99 -18.12
CA ARG A 82 11.49 9.82 -17.81
C ARG A 82 11.63 9.48 -16.33
N ILE A 83 10.53 9.15 -15.69
CA ILE A 83 10.52 8.80 -14.27
C ILE A 83 10.27 7.29 -14.15
N TYR A 84 11.19 6.59 -13.48
CA TYR A 84 11.06 5.15 -13.27
C TYR A 84 10.85 4.87 -11.80
N TYR A 85 9.67 4.34 -11.51
CA TYR A 85 9.27 4.04 -10.14
C TYR A 85 9.43 2.53 -9.91
N LEU A 86 10.49 2.16 -9.20
CA LEU A 86 10.85 0.77 -8.96
C LEU A 86 10.27 0.29 -7.64
N SER A 87 9.51 -0.79 -7.67
CA SER A 87 8.84 -1.32 -6.50
C SER A 87 8.71 -2.81 -6.63
N LEU A 88 8.86 -3.51 -5.51
CA LEU A 88 8.54 -4.93 -5.49
C LEU A 88 7.04 -5.21 -5.37
N GLU A 89 6.25 -4.17 -5.15
CA GLU A 89 4.82 -4.30 -4.92
C GLU A 89 4.03 -3.21 -5.64
N PHE A 90 2.95 -3.63 -6.32
CA PHE A 90 1.93 -2.75 -6.89
C PHE A 90 0.58 -3.36 -6.57
N TYR A 91 -0.11 -2.80 -5.59
CA TYR A 91 -1.37 -3.35 -5.15
C TYR A 91 -2.49 -2.67 -5.91
N MET A 92 -2.81 -3.19 -7.09
CA MET A 92 -3.66 -2.49 -8.05
C MET A 92 -5.15 -2.65 -7.80
N GLY A 93 -5.58 -3.76 -7.22
CA GLY A 93 -7.02 -4.07 -7.13
C GLY A 93 -7.63 -4.35 -8.50
N ARG A 94 -8.92 -4.09 -8.63
CA ARG A 94 -9.64 -4.24 -9.89
C ARG A 94 -9.42 -3.05 -10.80
N THR A 95 -9.50 -3.31 -12.09
CA THR A 95 -9.20 -2.33 -13.14
C THR A 95 -10.40 -1.82 -13.94
N LEU A 96 -11.49 -2.58 -14.01
CA LEU A 96 -12.58 -2.25 -14.96
C LEU A 96 -13.23 -0.92 -14.66
N GLN A 97 -13.66 -0.76 -13.41
CA GLN A 97 -14.34 0.48 -13.00
C GLN A 97 -13.41 1.67 -13.07
N ASN A 98 -12.18 1.50 -12.61
CA ASN A 98 -11.23 2.58 -12.64
C ASN A 98 -10.96 3.09 -14.06
N THR A 99 -10.91 2.17 -15.00
CA THR A 99 -10.71 2.50 -16.40
C THR A 99 -11.91 3.30 -16.94
N MET A 100 -13.12 2.84 -16.64
CA MET A 100 -14.32 3.54 -17.06
C MET A 100 -14.37 4.96 -16.49
N VAL A 101 -14.06 5.10 -15.19
CA VAL A 101 -14.05 6.43 -14.52
C VAL A 101 -13.06 7.36 -15.24
N ASN A 102 -11.84 6.86 -15.47
CA ASN A 102 -10.78 7.69 -16.05
C ASN A 102 -11.01 8.04 -17.52
N LEU A 103 -11.79 7.24 -18.25
CA LEU A 103 -12.11 7.54 -19.64
C LEU A 103 -13.51 8.14 -19.83
N ALA A 104 -14.21 8.42 -18.74
CA ALA A 104 -15.57 9.00 -18.76
C ALA A 104 -16.60 8.10 -19.45
N LEU A 105 -16.46 6.79 -19.27
CA LEU A 105 -17.31 5.80 -19.93
C LEU A 105 -18.32 5.12 -19.00
N GLU A 106 -18.33 5.46 -17.72
CA GLU A 106 -19.13 4.70 -16.76
C GLU A 106 -20.65 4.72 -17.07
N ASN A 107 -21.23 5.90 -17.31
CA ASN A 107 -22.70 5.93 -17.57
C ASN A 107 -23.05 5.26 -18.90
N ALA A 108 -22.21 5.46 -19.92
CA ALA A 108 -22.43 4.83 -21.22
C ALA A 108 -22.38 3.30 -21.15
N CYS A 109 -21.39 2.77 -20.42
CA CYS A 109 -21.31 1.32 -20.22
C CYS A 109 -22.49 0.81 -19.39
N ASP A 110 -22.92 1.61 -18.39
CA ASP A 110 -24.07 1.25 -17.58
C ASP A 110 -25.32 1.11 -18.44
N GLU A 111 -25.52 2.08 -19.32
CA GLU A 111 -26.67 2.11 -20.22
C GLU A 111 -26.59 0.98 -21.25
N ALA A 112 -25.41 0.77 -21.84
CA ALA A 112 -25.21 -0.26 -22.83
C ALA A 112 -25.50 -1.63 -22.25
N THR A 113 -24.95 -1.91 -21.08
CA THR A 113 -25.18 -3.20 -20.44
C THR A 113 -26.65 -3.38 -20.02
N TYR A 114 -27.25 -2.32 -19.46
CA TYR A 114 -28.68 -2.32 -19.10
C TYR A 114 -29.56 -2.71 -20.29
N GLN A 115 -29.29 -2.15 -21.47
CA GLN A 115 -30.06 -2.47 -22.69
C GLN A 115 -29.84 -3.92 -23.18
N LEU A 116 -28.73 -4.54 -22.80
CA LEU A 116 -28.49 -5.96 -23.05
C LEU A 116 -29.05 -6.90 -21.96
N GLY A 117 -29.70 -6.35 -20.94
CA GLY A 117 -30.34 -7.15 -19.88
C GLY A 117 -29.39 -7.53 -18.77
N LEU A 118 -28.31 -6.77 -18.60
CA LEU A 118 -27.24 -7.09 -17.67
C LEU A 118 -27.08 -5.97 -16.67
N ASP A 119 -26.67 -6.33 -15.46
CA ASP A 119 -26.39 -5.40 -14.39
C ASP A 119 -24.86 -5.26 -14.27
N MET A 120 -24.35 -4.08 -14.61
CA MET A 120 -22.91 -3.84 -14.65
C MET A 120 -22.22 -4.00 -13.29
N GLU A 121 -22.93 -3.63 -12.23
CA GLU A 121 -22.39 -3.74 -10.86
C GLU A 121 -22.09 -5.21 -10.51
N GLU A 122 -22.97 -6.10 -10.96
CA GLU A 122 -22.80 -7.55 -10.80
C GLU A 122 -21.59 -8.06 -11.59
N LEU A 123 -21.41 -7.56 -12.81
CA LEU A 123 -20.23 -7.94 -13.65
C LEU A 123 -18.93 -7.45 -13.03
N GLU A 124 -18.94 -6.26 -12.46
CA GLU A 124 -17.74 -5.71 -11.80
C GLU A 124 -17.22 -6.60 -10.67
N GLU A 125 -18.14 -7.26 -9.96
CA GLU A 125 -17.80 -8.13 -8.82
C GLU A 125 -17.12 -9.41 -9.21
N ILE A 126 -17.16 -9.79 -10.49
CA ILE A 126 -16.48 -10.97 -10.96
C ILE A 126 -14.97 -10.79 -11.10
N GLU A 127 -14.51 -9.57 -11.33
CA GLU A 127 -13.08 -9.32 -11.55
C GLU A 127 -12.27 -9.66 -10.29
N GLU A 128 -11.14 -10.34 -10.47
CA GLU A 128 -10.19 -10.59 -9.37
C GLU A 128 -9.41 -9.31 -9.05
N ASP A 129 -9.15 -9.02 -7.77
CA ASP A 129 -8.08 -8.05 -7.44
C ASP A 129 -6.75 -8.48 -8.00
N ALA A 130 -6.03 -7.54 -8.57
CA ALA A 130 -4.60 -7.75 -8.76
C ALA A 130 -3.95 -7.44 -7.39
N GLY A 131 -3.62 -8.49 -6.66
CA GLY A 131 -3.14 -8.39 -5.29
C GLY A 131 -1.63 -8.51 -5.19
N LEU A 132 -0.89 -7.70 -5.95
CA LEU A 132 0.56 -7.84 -6.00
C LEU A 132 1.24 -6.94 -4.96
N GLY A 133 0.66 -6.88 -3.77
CA GLY A 133 1.26 -6.16 -2.65
C GLY A 133 0.68 -6.64 -1.34
N ASN A 134 1.29 -6.20 -0.26
CA ASN A 134 0.92 -6.62 1.09
C ASN A 134 -0.09 -5.67 1.74
N GLY A 135 0.00 -4.38 1.43
CA GLY A 135 -0.85 -3.39 2.11
C GLY A 135 -0.48 -2.00 1.65
N GLY A 136 -0.08 -1.16 2.61
CA GLY A 136 0.11 0.26 2.37
C GLY A 136 1.19 0.65 1.37
N LEU A 137 2.33 0.00 1.44
CA LEU A 137 3.43 0.30 0.51
C LEU A 137 3.05 -0.02 -0.93
N GLY A 138 2.48 -1.20 -1.14
CA GLY A 138 2.03 -1.58 -2.47
C GLY A 138 0.89 -0.72 -2.98
N ARG A 139 -0.02 -0.37 -2.10
CA ARG A 139 -1.15 0.45 -2.51
C ARG A 139 -0.72 1.90 -2.81
N LEU A 140 0.30 2.39 -2.11
CA LEU A 140 0.86 3.71 -2.39
C LEU A 140 1.43 3.78 -3.79
N ALA A 141 2.15 2.73 -4.18
CA ALA A 141 2.67 2.64 -5.53
C ALA A 141 1.56 2.71 -6.58
N ALA A 142 0.45 2.04 -6.33
CA ALA A 142 -0.69 2.09 -7.22
C ALA A 142 -1.35 3.49 -7.31
N CYS A 143 -1.54 4.14 -6.19
CA CYS A 143 -2.07 5.50 -6.17
C CYS A 143 -1.15 6.44 -6.91
N PHE A 144 0.15 6.29 -6.69
CA PHE A 144 1.18 7.10 -7.36
C PHE A 144 1.14 6.95 -8.88
N LEU A 145 0.95 5.74 -9.39
CA LEU A 145 0.86 5.55 -10.85
C LEU A 145 -0.33 6.31 -11.40
N ASP A 146 -1.47 6.24 -10.69
CA ASP A 146 -2.66 6.95 -11.10
C ASP A 146 -2.42 8.48 -11.14
N SER A 147 -1.79 9.00 -10.10
CA SER A 147 -1.45 10.43 -10.05
C SER A 147 -0.42 10.86 -11.10
N MET A 148 0.60 10.04 -11.37
CA MET A 148 1.59 10.42 -12.37
C MET A 148 0.98 10.53 -13.76
N ALA A 149 0.06 9.62 -14.10
CA ALA A 149 -0.65 9.70 -15.37
C ALA A 149 -1.58 10.91 -15.44
N THR A 150 -2.29 11.17 -14.34
CA THR A 150 -3.20 12.31 -14.27
C THR A 150 -2.45 13.65 -14.38
N LEU A 151 -1.21 13.69 -13.90
CA LEU A 151 -0.38 14.87 -13.99
C LEU A 151 0.54 14.92 -15.20
N GLY A 152 0.32 14.06 -16.19
CA GLY A 152 1.03 14.12 -17.46
C GLY A 152 2.51 13.83 -17.42
N LEU A 153 2.98 13.05 -16.44
CA LEU A 153 4.39 12.76 -16.33
C LEU A 153 4.73 11.53 -17.15
N ALA A 154 5.91 11.54 -17.77
CA ALA A 154 6.36 10.38 -18.55
C ALA A 154 6.93 9.35 -17.57
N ALA A 155 6.03 8.60 -16.94
CA ALA A 155 6.35 7.75 -15.81
C ALA A 155 6.08 6.30 -16.12
N TYR A 156 6.95 5.44 -15.61
CA TYR A 156 6.85 3.98 -15.79
C TYR A 156 6.94 3.32 -14.43
N GLY A 157 6.03 2.43 -14.12
CA GLY A 157 6.13 1.58 -12.94
C GLY A 157 6.80 0.29 -13.37
N TYR A 158 7.79 -0.15 -12.62
CA TYR A 158 8.50 -1.39 -12.91
C TYR A 158 8.49 -2.28 -11.67
N GLY A 159 8.10 -3.54 -11.89
CA GLY A 159 7.95 -4.52 -10.83
C GLY A 159 8.02 -5.95 -11.37
N ILE A 160 7.50 -6.88 -10.57
CA ILE A 160 7.47 -8.30 -10.86
C ILE A 160 6.04 -8.74 -10.99
N ARG A 161 5.77 -9.55 -12.01
CA ARG A 161 4.47 -10.15 -12.23
C ARG A 161 4.44 -11.46 -11.45
N TYR A 162 4.03 -11.39 -10.19
CA TYR A 162 3.93 -12.61 -9.39
C TYR A 162 2.79 -13.46 -9.91
N GLU A 163 3.02 -14.75 -10.09
CA GLU A 163 1.95 -15.68 -10.42
C GLU A 163 0.90 -15.77 -9.28
N PHE A 164 1.37 -15.65 -8.04
CA PHE A 164 0.53 -15.70 -6.86
C PHE A 164 0.78 -14.44 -6.04
N GLY A 165 -0.27 -13.67 -5.87
CA GLY A 165 -0.19 -12.44 -5.10
C GLY A 165 -0.40 -12.73 -3.64
N ILE A 166 -0.85 -11.71 -2.90
CA ILE A 166 -1.09 -11.88 -1.48
C ILE A 166 -2.13 -13.00 -1.29
N PHE A 167 -1.88 -13.94 -0.39
CA PHE A 167 -2.79 -15.07 -0.18
C PHE A 167 -4.25 -14.64 0.16
N ASN A 168 -5.19 -15.47 -0.27
CA ASN A 168 -6.57 -15.37 0.21
C ASN A 168 -6.64 -15.94 1.63
N GLN A 169 -7.29 -15.18 2.50
CA GLN A 169 -7.47 -15.53 3.89
C GLN A 169 -8.82 -16.18 4.10
N LYS A 170 -8.80 -17.37 4.66
CA LYS A 170 -10.02 -18.04 5.14
C LYS A 170 -9.91 -18.09 6.65
N ILE A 171 -11.04 -17.97 7.34
CA ILE A 171 -11.08 -18.17 8.79
C ILE A 171 -11.79 -19.50 9.06
N CSO A 172 -11.08 -20.43 9.72
CA CSO A 172 -11.61 -21.78 10.02
CB CSO A 172 -10.79 -22.76 9.16
SG CSO A 172 -11.58 -24.33 8.96
C CSO A 172 -11.46 -21.98 11.52
O CSO A 172 -10.36 -21.94 12.08
OD CSO A 172 -10.56 -25.44 9.83
N GLY A 173 -12.59 -22.12 12.22
CA GLY A 173 -12.61 -22.26 13.68
C GLY A 173 -11.99 -21.07 14.40
N GLY A 174 -12.13 -19.89 13.81
CA GLY A 174 -11.52 -18.68 14.34
C GLY A 174 -10.05 -18.43 14.02
N TRP A 175 -9.42 -19.33 13.26
CA TRP A 175 -8.02 -19.24 12.90
C TRP A 175 -7.84 -18.85 11.43
N GLN A 176 -6.83 -18.06 11.13
CA GLN A 176 -6.44 -17.78 9.76
C GLN A 176 -5.88 -19.03 9.07
N MET A 177 -6.42 -19.34 7.90
CA MET A 177 -5.84 -20.29 6.96
C MET A 177 -5.49 -19.52 5.67
N GLU A 178 -4.39 -19.90 5.02
CA GLU A 178 -3.97 -19.26 3.77
C GLU A 178 -4.27 -20.16 2.56
N GLU A 179 -4.75 -19.53 1.50
CA GLU A 179 -4.94 -20.19 0.22
C GLU A 179 -4.24 -19.36 -0.84
N ALA A 180 -3.65 -20.05 -1.81
CA ALA A 180 -3.01 -19.39 -2.94
C ALA A 180 -3.99 -18.55 -3.72
N ASP A 181 -3.52 -17.38 -4.12
CA ASP A 181 -4.29 -16.37 -4.86
C ASP A 181 -3.93 -16.57 -6.32
N ASP A 182 -4.65 -17.47 -6.94
CA ASP A 182 -4.41 -17.87 -8.33
C ASP A 182 -5.14 -16.87 -9.25
N TRP A 183 -4.71 -15.62 -9.17
CA TRP A 183 -5.39 -14.50 -9.81
C TRP A 183 -5.39 -14.54 -11.33
N LEU A 184 -4.51 -15.33 -11.94
CA LEU A 184 -4.39 -15.42 -13.39
C LEU A 184 -5.15 -16.58 -14.01
N ARG A 185 -5.86 -17.36 -13.19
CA ARG A 185 -6.52 -18.61 -13.65
C ARG A 185 -7.38 -18.39 -14.89
N TYR A 186 -8.23 -17.37 -14.84
CA TYR A 186 -9.17 -17.07 -15.93
C TYR A 186 -8.59 -16.11 -16.98
N GLY A 187 -7.33 -15.69 -16.82
CA GLY A 187 -6.67 -14.72 -17.70
C GLY A 187 -6.77 -13.30 -17.16
N ASN A 188 -5.92 -12.42 -17.68
CA ASN A 188 -5.87 -11.03 -17.27
C ASN A 188 -6.00 -10.23 -18.58
N PRO A 189 -7.19 -9.65 -18.83
CA PRO A 189 -7.37 -8.95 -20.10
C PRO A 189 -6.64 -7.60 -20.17
N TRP A 190 -6.11 -7.11 -19.07
CA TRP A 190 -5.51 -5.80 -19.01
C TRP A 190 -4.04 -5.79 -19.41
N GLU A 191 -3.34 -6.92 -19.27
CA GLU A 191 -1.92 -6.98 -19.61
C GLU A 191 -1.68 -7.35 -21.07
N LYS A 192 -0.52 -6.97 -21.57
CA LYS A 192 -0.06 -7.39 -22.88
C LYS A 192 1.34 -7.95 -22.73
N ALA A 193 1.49 -9.24 -23.00
CA ALA A 193 2.80 -9.90 -22.97
C ALA A 193 3.66 -9.29 -24.05
N ARG A 194 4.93 -9.03 -23.77
CA ARG A 194 5.85 -8.52 -24.78
C ARG A 194 7.07 -9.42 -24.88
N PRO A 195 6.88 -10.68 -25.30
CA PRO A 195 8.00 -11.64 -25.31
C PRO A 195 9.17 -11.21 -26.20
N GLU A 196 8.90 -10.33 -27.17
CA GLU A 196 9.92 -9.75 -28.03
C GLU A 196 10.96 -8.85 -27.32
N PHE A 197 10.66 -8.34 -26.13
CA PHE A 197 11.58 -7.47 -25.35
C PHE A 197 12.16 -8.18 -24.11
N THR A 198 12.17 -9.51 -24.18
CA THR A 198 12.80 -10.36 -23.17
C THR A 198 14.29 -10.08 -23.05
N LEU A 199 14.79 -10.04 -21.81
CA LEU A 199 16.17 -9.64 -21.51
C LEU A 199 16.80 -10.64 -20.53
N PRO A 200 18.11 -10.83 -20.61
CA PRO A 200 18.80 -11.76 -19.73
C PRO A 200 19.20 -11.13 -18.40
N VAL A 201 19.10 -11.90 -17.32
CA VAL A 201 19.53 -11.53 -15.98
C VAL A 201 20.50 -12.61 -15.49
N HIS A 202 21.63 -12.18 -14.92
CA HIS A 202 22.71 -13.05 -14.49
C HIS A 202 22.74 -13.26 -12.99
N PHE A 203 23.12 -14.48 -12.58
CA PHE A 203 23.28 -14.83 -11.18
C PHE A 203 24.52 -15.72 -11.01
N TYR A 204 25.02 -15.75 -9.78
CA TYR A 204 26.17 -16.58 -9.37
C TYR A 204 27.43 -16.15 -10.11
N GLY A 205 28.20 -17.11 -10.63
CA GLY A 205 29.41 -16.83 -11.36
C GLY A 205 30.58 -16.37 -10.49
N ARG A 206 31.53 -15.72 -11.11
CA ARG A 206 32.69 -15.21 -10.40
C ARG A 206 33.27 -14.01 -11.15
N VAL A 207 34.15 -13.28 -10.50
CA VAL A 207 34.77 -12.09 -11.08
C VAL A 207 36.21 -12.40 -11.51
N GLU A 208 36.53 -12.03 -12.75
CA GLU A 208 37.89 -12.08 -13.29
C GLU A 208 38.37 -10.66 -13.49
N HIS A 209 39.60 -10.37 -13.06
CA HIS A 209 40.23 -9.07 -13.32
C HIS A 209 41.17 -9.21 -14.49
N THR A 210 40.87 -8.51 -15.58
CA THR A 210 41.78 -8.41 -16.74
C THR A 210 42.55 -7.09 -16.65
N SER A 211 43.32 -6.78 -17.68
CA SER A 211 43.88 -5.44 -17.90
C SER A 211 42.80 -4.44 -18.35
N GLN A 212 41.74 -4.95 -18.98
CA GLN A 212 40.56 -4.17 -19.40
C GLN A 212 39.46 -4.04 -18.31
N GLY A 213 39.81 -4.17 -17.03
CA GLY A 213 38.82 -4.12 -15.93
C GLY A 213 38.24 -5.48 -15.53
N ALA A 214 37.20 -5.43 -14.71
CA ALA A 214 36.56 -6.62 -14.16
C ALA A 214 35.55 -7.22 -15.15
N LYS A 215 35.42 -8.53 -15.13
CA LYS A 215 34.45 -9.26 -15.98
C LYS A 215 33.74 -10.23 -15.06
N TRP A 216 32.42 -10.26 -15.14
CA TRP A 216 31.58 -11.18 -14.34
C TRP A 216 31.28 -12.34 -15.28
N VAL A 217 31.79 -13.52 -14.95
CA VAL A 217 31.76 -14.68 -15.87
C VAL A 217 31.19 -15.91 -15.18
N ASP A 218 30.90 -16.94 -16.00
CA ASP A 218 30.38 -18.26 -15.57
C ASP A 218 29.06 -18.14 -14.82
N THR A 219 28.21 -17.22 -15.28
CA THR A 219 26.94 -16.94 -14.61
C THR A 219 25.82 -17.87 -15.08
N GLN A 220 24.79 -18.00 -14.27
CA GLN A 220 23.55 -18.67 -14.68
C GLN A 220 22.64 -17.58 -15.18
N VAL A 221 21.92 -17.83 -16.28
CA VAL A 221 21.05 -16.83 -16.91
C VAL A 221 19.60 -17.20 -16.66
N VAL A 222 18.80 -16.22 -16.27
CA VAL A 222 17.36 -16.31 -16.25
C VAL A 222 16.84 -15.20 -17.18
N LEU A 223 15.81 -15.50 -17.95
CA LEU A 223 15.23 -14.47 -18.83
C LEU A 223 14.13 -13.71 -18.09
N ALA A 224 14.03 -12.42 -18.39
CA ALA A 224 13.00 -11.55 -17.87
C ALA A 224 12.10 -11.16 -19.05
N MET A 225 10.88 -11.65 -19.01
CA MET A 225 9.86 -11.33 -20.00
C MET A 225 8.90 -10.29 -19.47
N PRO A 226 8.76 -9.15 -20.19
CA PRO A 226 7.85 -8.10 -19.70
C PRO A 226 6.39 -8.30 -20.11
N TYR A 227 5.50 -7.91 -19.20
CA TYR A 227 4.08 -7.77 -19.45
C TYR A 227 3.73 -6.33 -19.16
N ASP A 228 3.03 -5.68 -20.09
CA ASP A 228 2.71 -4.27 -19.93
C ASP A 228 1.24 -4.08 -19.62
N THR A 229 0.94 -3.23 -18.65
CA THR A 229 -0.43 -2.88 -18.27
C THR A 229 -0.61 -1.39 -18.40
N PRO A 230 -1.72 -0.95 -19.06
CA PRO A 230 -1.97 0.48 -19.21
C PRO A 230 -2.42 1.16 -17.92
N VAL A 231 -1.99 2.41 -17.73
CA VAL A 231 -2.34 3.22 -16.57
C VAL A 231 -2.94 4.53 -17.06
N PRO A 232 -4.29 4.61 -17.13
CA PRO A 232 -4.94 5.80 -17.66
C PRO A 232 -4.95 6.95 -16.67
N GLY A 233 -4.67 8.15 -17.16
CA GLY A 233 -4.85 9.35 -16.36
C GLY A 233 -6.31 9.76 -16.35
N TYR A 234 -6.68 10.67 -15.44
CA TYR A 234 -8.07 11.12 -15.32
C TYR A 234 -8.46 12.12 -16.42
N ARG A 235 -9.16 11.61 -17.44
CA ARG A 235 -9.76 12.40 -18.51
C ARG A 235 -8.81 13.33 -19.25
N ASN A 236 -7.56 12.92 -19.35
CA ASN A 236 -6.56 13.70 -20.07
C ASN A 236 -5.99 12.98 -21.29
N ASN A 237 -6.53 11.80 -21.60
CA ASN A 237 -6.04 10.91 -22.66
C ASN A 237 -4.59 10.45 -22.57
N VAL A 238 -4.00 10.52 -21.37
CA VAL A 238 -2.65 10.02 -21.15
C VAL A 238 -2.81 8.58 -20.65
N VAL A 239 -2.04 7.66 -21.23
CA VAL A 239 -2.03 6.27 -20.75
C VAL A 239 -0.55 5.88 -20.63
N ASN A 240 -0.11 5.70 -19.40
CA ASN A 240 1.26 5.32 -19.09
C ASN A 240 1.33 3.82 -18.95
N THR A 241 2.51 3.30 -18.69
CA THR A 241 2.78 1.86 -18.68
C THR A 241 3.28 1.42 -17.32
N MET A 242 2.74 0.30 -16.83
CA MET A 242 3.32 -0.46 -15.74
C MET A 242 3.90 -1.72 -16.38
N ARG A 243 5.21 -1.89 -16.26
CA ARG A 243 5.89 -3.04 -16.88
C ARG A 243 6.34 -4.01 -15.78
N LEU A 244 5.80 -5.23 -15.82
CA LEU A 244 6.06 -6.24 -14.81
C LEU A 244 6.80 -7.44 -15.46
N TRP A 245 7.87 -7.88 -14.80
CA TRP A 245 8.75 -8.89 -15.36
C TRP A 245 8.37 -10.27 -14.83
N SER A 246 8.42 -11.27 -15.72
CA SER A 246 8.18 -12.66 -15.38
C SER A 246 9.40 -13.46 -15.72
N ALA A 247 9.73 -14.46 -14.91
CA ALA A 247 10.96 -15.22 -15.05
C ALA A 247 10.76 -16.40 -15.99
N LYS A 248 11.67 -16.60 -16.94
CA LYS A 248 11.62 -17.68 -17.89
C LYS A 248 13.00 -18.34 -17.99
N ALA A 249 13.05 -19.66 -18.10
CA ALA A 249 14.35 -20.32 -18.26
C ALA A 249 14.77 -20.23 -19.71
N PRO A 250 16.08 -20.04 -19.99
CA PRO A 250 16.51 -20.23 -21.40
C PRO A 250 16.29 -21.66 -21.92
N ASN A 251 16.18 -21.85 -23.23
CA ASN A 251 15.82 -23.19 -23.81
C ASN A 251 16.89 -24.27 -23.77
N ASP A 252 18.15 -23.84 -23.66
CA ASP A 252 19.27 -24.76 -23.36
C ASP A 252 19.51 -25.00 -21.84
N PHE A 253 18.64 -24.45 -20.97
CA PHE A 253 18.75 -24.59 -19.49
C PHE A 253 18.83 -26.05 -19.08
N ASN A 254 19.89 -26.37 -18.33
CA ASN A 254 20.21 -27.74 -17.90
C ASN A 254 20.49 -28.71 -19.07
N LEU A 255 20.68 -28.20 -20.30
CA LEU A 255 20.73 -29.04 -21.53
C LEU A 255 21.99 -28.81 -22.39
N GLY A 262 18.38 -37.25 -16.76
CA GLY A 262 18.66 -36.90 -18.16
C GLY A 262 17.67 -35.86 -18.72
N TYR A 263 17.19 -36.10 -19.94
CA TYR A 263 16.42 -35.12 -20.71
C TYR A 263 15.15 -34.67 -19.98
N ILE A 264 14.33 -35.62 -19.53
CA ILE A 264 13.05 -35.26 -18.89
C ILE A 264 13.27 -34.39 -17.64
N GLN A 265 14.21 -34.81 -16.81
CA GLN A 265 14.50 -34.07 -15.55
C GLN A 265 15.01 -32.66 -15.81
N ALA A 266 15.82 -32.49 -16.85
CA ALA A 266 16.33 -31.17 -17.24
C ALA A 266 15.22 -30.18 -17.62
N VAL A 267 14.21 -30.70 -18.32
CA VAL A 267 13.07 -29.89 -18.65
C VAL A 267 12.27 -29.57 -17.40
N LEU A 268 12.06 -30.56 -16.53
CA LEU A 268 11.28 -30.32 -15.29
C LEU A 268 11.99 -29.31 -14.38
N ASP A 269 13.32 -29.31 -14.41
CA ASP A 269 14.11 -28.41 -13.55
C ASP A 269 14.12 -26.96 -13.98
N ARG A 270 13.50 -26.64 -15.11
CA ARG A 270 13.25 -25.24 -15.47
C ARG A 270 12.51 -24.42 -14.40
N ASN A 271 11.74 -25.11 -13.55
CA ASN A 271 11.00 -24.48 -12.47
CA ASN A 271 11.01 -24.51 -12.43
C ASN A 271 11.92 -23.75 -11.48
N LEU A 272 13.14 -24.25 -11.31
CA LEU A 272 14.07 -23.60 -10.41
C LEU A 272 14.34 -22.15 -10.84
N ALA A 273 14.45 -21.88 -12.15
CA ALA A 273 14.63 -20.52 -12.63
C ALA A 273 13.33 -19.73 -12.55
N GLU A 274 12.22 -20.39 -12.88
CA GLU A 274 10.94 -19.70 -13.02
C GLU A 274 10.30 -19.39 -11.66
N ASN A 275 10.76 -20.07 -10.60
CA ASN A 275 10.30 -19.74 -9.24
C ASN A 275 10.56 -18.33 -8.78
N ILE A 276 11.48 -17.61 -9.43
CA ILE A 276 11.75 -16.22 -9.05
C ILE A 276 10.51 -15.34 -9.04
N SER A 277 9.65 -15.48 -10.04
CA SER A 277 8.46 -14.67 -10.09
C SER A 277 7.19 -15.41 -9.64
N ARG A 278 7.31 -16.46 -8.83
CA ARG A 278 6.17 -17.29 -8.55
C ARG A 278 5.25 -16.68 -7.49
N VAL A 279 5.83 -16.10 -6.44
CA VAL A 279 5.02 -15.71 -5.30
C VAL A 279 5.57 -14.47 -4.57
N LEU A 280 4.63 -13.63 -4.16
CA LEU A 280 4.89 -12.43 -3.36
C LEU A 280 5.18 -12.83 -1.93
N TYR A 281 6.29 -12.36 -1.39
CA TYR A 281 6.57 -12.52 0.05
C TYR A 281 5.55 -11.73 0.88
N PRO A 282 4.83 -12.40 1.79
CA PRO A 282 3.66 -11.81 2.44
C PRO A 282 3.96 -11.10 3.77
N ASN A 283 5.13 -10.47 3.87
CA ASN A 283 5.64 -9.85 5.10
C ASN A 283 5.58 -8.33 5.10
N ASP A 284 4.52 -7.81 5.65
CA ASP A 284 4.36 -6.38 5.81
C ASP A 284 5.23 -5.89 6.99
N ASN A 285 6.06 -4.90 6.76
CA ASN A 285 6.92 -4.37 7.84
C ASN A 285 7.73 -5.43 8.57
N PHE A 286 8.32 -6.34 7.81
CA PHE A 286 9.21 -7.34 8.41
C PHE A 286 10.21 -7.79 7.33
N PHE A 287 11.46 -8.05 7.74
CA PHE A 287 12.53 -8.49 6.85
C PHE A 287 12.82 -9.97 7.06
N GLU A 288 12.71 -10.76 6.00
CA GLU A 288 13.09 -12.19 6.02
C GLU A 288 14.22 -12.31 4.99
N GLY A 289 15.41 -12.61 5.45
CA GLY A 289 16.60 -12.64 4.62
C GLY A 289 16.80 -13.95 3.88
N LYS A 290 15.87 -14.29 2.99
CA LYS A 290 15.92 -15.52 2.21
C LYS A 290 16.50 -15.27 0.84
N GLU A 291 17.22 -16.26 0.34
CA GLU A 291 17.83 -16.17 -0.96
C GLU A 291 16.84 -15.87 -2.08
N LEU A 292 15.69 -16.53 -2.07
CA LEU A 292 14.70 -16.27 -3.12
C LEU A 292 14.27 -14.80 -3.20
N ARG A 293 14.08 -14.17 -2.04
CA ARG A 293 13.76 -12.76 -2.01
C ARG A 293 14.87 -11.88 -2.59
N LEU A 294 16.12 -12.20 -2.30
CA LEU A 294 17.23 -11.46 -2.89
C LEU A 294 17.24 -11.64 -4.40
N LYS A 295 16.97 -12.85 -4.88
CA LYS A 295 16.87 -13.07 -6.33
C LYS A 295 15.79 -12.23 -6.97
N GLN A 296 14.64 -12.11 -6.31
CA GLN A 296 13.55 -11.26 -6.79
C GLN A 296 13.99 -9.80 -6.93
N GLU A 297 14.67 -9.31 -5.89
CA GLU A 297 15.15 -7.95 -5.85
C GLU A 297 16.13 -7.66 -6.98
N TYR A 298 17.09 -8.55 -7.20
CA TYR A 298 18.04 -8.32 -8.27
C TYR A 298 17.36 -8.48 -9.66
N PHE A 299 16.52 -9.49 -9.80
CA PHE A 299 15.78 -9.72 -11.05
C PHE A 299 15.08 -8.46 -11.54
N VAL A 300 14.31 -7.83 -10.69
CA VAL A 300 13.59 -6.61 -11.10
C VAL A 300 14.53 -5.46 -11.48
N VAL A 301 15.59 -5.27 -10.69
CA VAL A 301 16.58 -4.24 -10.92
C VAL A 301 17.37 -4.42 -12.21
N ALA A 302 17.88 -5.63 -12.45
CA ALA A 302 18.72 -5.91 -13.60
C ALA A 302 17.96 -5.77 -14.91
N ALA A 303 16.75 -6.31 -14.96
CA ALA A 303 15.92 -6.19 -16.17
C ALA A 303 15.52 -4.73 -16.43
N THR A 304 15.06 -4.06 -15.38
CA THR A 304 14.61 -2.66 -15.48
C THR A 304 15.73 -1.75 -15.97
N LEU A 305 16.91 -1.88 -15.38
CA LEU A 305 18.02 -1.00 -15.76
C LEU A 305 18.46 -1.16 -17.22
N GLN A 306 18.43 -2.38 -17.74
CA GLN A 306 18.67 -2.59 -19.17
C GLN A 306 17.66 -1.86 -20.06
N ASP A 307 16.39 -1.91 -19.65
CA ASP A 307 15.33 -1.23 -20.35
C ASP A 307 15.54 0.29 -20.35
N ILE A 308 15.89 0.83 -19.20
CA ILE A 308 16.17 2.23 -19.00
C ILE A 308 17.31 2.68 -19.92
N ILE A 309 18.38 1.90 -19.94
CA ILE A 309 19.55 2.28 -20.72
C ILE A 309 19.23 2.20 -22.21
N ARG A 310 18.50 1.16 -22.62
CA ARG A 310 18.09 1.03 -24.03
C ARG A 310 17.34 2.27 -24.51
N ARG A 311 16.37 2.70 -23.72
CA ARG A 311 15.50 3.81 -24.02
C ARG A 311 16.28 5.10 -24.06
N PHE A 312 17.25 5.27 -23.14
CA PHE A 312 18.17 6.43 -23.16
C PHE A 312 19.06 6.51 -24.42
N LYS A 313 19.56 5.37 -24.88
CA LYS A 313 20.44 5.34 -26.05
C LYS A 313 19.71 5.58 -27.36
N SER A 314 18.39 5.35 -27.39
CA SER A 314 17.55 5.56 -28.57
C SER A 314 16.94 6.97 -28.61
N SER A 315 17.79 8.00 -28.50
CA SER A 315 17.38 9.40 -28.72
C SER A 315 17.93 9.92 -30.05
N ASN A 326 26.67 9.38 -24.66
CA ASN A 326 27.37 10.06 -23.58
C ASN A 326 26.50 10.25 -22.31
N PHE A 327 27.03 9.76 -21.19
CA PHE A 327 26.24 9.56 -19.99
C PHE A 327 26.14 10.77 -19.08
N ASP A 328 26.81 11.88 -19.40
CA ASP A 328 26.65 13.12 -18.62
C ASP A 328 25.21 13.63 -18.63
N ALA A 329 24.47 13.37 -19.70
CA ALA A 329 23.06 13.78 -19.81
C ALA A 329 22.06 12.77 -19.17
N PHE A 330 22.56 11.63 -18.68
CA PHE A 330 21.72 10.56 -18.13
C PHE A 330 20.78 11.07 -17.04
N PRO A 331 21.31 11.77 -16.03
CA PRO A 331 20.41 12.29 -14.97
C PRO A 331 19.45 13.40 -15.44
N ASP A 332 19.70 14.03 -16.57
CA ASP A 332 18.74 14.97 -17.16
C ASP A 332 17.58 14.29 -17.87
N LYS A 333 17.74 13.01 -18.22
CA LYS A 333 16.74 12.26 -18.96
C LYS A 333 16.11 11.11 -18.17
N VAL A 334 16.66 10.80 -16.99
CA VAL A 334 16.25 9.67 -16.20
C VAL A 334 16.21 10.04 -14.73
N ALA A 335 15.09 9.70 -14.08
CA ALA A 335 15.00 9.64 -12.62
C ALA A 335 14.59 8.23 -12.20
N ILE A 336 15.28 7.69 -11.19
CA ILE A 336 14.93 6.40 -10.63
C ILE A 336 14.55 6.59 -9.17
N GLN A 337 13.30 6.25 -8.83
CA GLN A 337 12.81 6.36 -7.46
C GLN A 337 12.74 4.94 -6.87
N LEU A 338 13.43 4.76 -5.76
CA LEU A 338 13.52 3.48 -5.08
C LEU A 338 12.44 3.45 -4.00
N ASN A 339 11.47 2.56 -4.16
CA ASN A 339 10.40 2.40 -3.18
C ASN A 339 10.88 1.51 -2.02
N ASP A 340 11.40 2.17 -0.97
CA ASP A 340 12.14 1.53 0.10
C ASP A 340 13.45 0.94 -0.42
N THR A 341 14.10 0.09 0.35
CA THR A 341 15.41 -0.46 -0.04
C THR A 341 15.25 -1.70 -0.91
N HIS A 342 14.03 -2.12 -1.16
CA HIS A 342 13.82 -3.41 -1.85
C HIS A 342 14.50 -3.44 -3.24
N PRO A 343 14.49 -2.32 -3.98
CA PRO A 343 15.27 -2.25 -5.21
C PRO A 343 16.62 -1.57 -5.09
N SER A 344 17.22 -1.55 -3.90
CA SER A 344 18.45 -0.83 -3.63
C SER A 344 19.63 -1.30 -4.48
N LEU A 345 19.57 -2.55 -4.98
CA LEU A 345 20.63 -3.04 -5.84
C LEU A 345 20.75 -2.27 -7.15
N ALA A 346 19.75 -1.46 -7.49
CA ALA A 346 19.87 -0.51 -8.60
C ALA A 346 21.14 0.36 -8.55
N ILE A 347 21.54 0.74 -7.34
CA ILE A 347 22.72 1.61 -7.14
C ILE A 347 24.00 0.89 -7.61
N PRO A 348 24.32 -0.30 -7.02
CA PRO A 348 25.52 -0.97 -7.53
C PRO A 348 25.37 -1.57 -8.93
N GLU A 349 24.14 -1.89 -9.36
CA GLU A 349 23.95 -2.36 -10.74
C GLU A 349 24.22 -1.25 -11.74
N LEU A 350 23.75 -0.02 -11.46
CA LEU A 350 24.03 1.09 -12.33
C LEU A 350 25.54 1.33 -12.40
N MET A 351 26.23 1.28 -11.26
CA MET A 351 27.68 1.40 -11.27
C MET A 351 28.35 0.29 -12.07
N ARG A 352 27.87 -0.93 -11.92
CA ARG A 352 28.41 -2.06 -12.68
C ARG A 352 28.33 -1.83 -14.18
N VAL A 353 27.15 -1.43 -14.65
CA VAL A 353 26.95 -1.22 -16.07
C VAL A 353 27.83 -0.08 -16.57
N LEU A 354 27.83 1.05 -15.85
CA LEU A 354 28.63 2.20 -16.27
C LEU A 354 30.13 1.95 -16.26
N VAL A 355 30.65 1.26 -15.24
CA VAL A 355 32.09 1.03 -15.10
C VAL A 355 32.55 -0.19 -15.91
N ASP A 356 31.90 -1.33 -15.71
CA ASP A 356 32.33 -2.58 -16.35
C ASP A 356 31.97 -2.68 -17.83
N LEU A 357 30.81 -2.18 -18.22
CA LEU A 357 30.31 -2.35 -19.59
C LEU A 357 30.53 -1.11 -20.45
N GLU A 358 30.21 0.08 -19.93
CA GLU A 358 30.37 1.32 -20.70
C GLU A 358 31.74 1.95 -20.51
N ARG A 359 32.51 1.47 -19.54
CA ARG A 359 33.92 1.88 -19.34
C ARG A 359 34.09 3.34 -18.89
N LEU A 360 33.12 3.86 -18.16
CA LEU A 360 33.27 5.15 -17.49
C LEU A 360 34.22 4.96 -16.31
N ASP A 361 34.95 6.01 -15.97
CA ASP A 361 35.74 5.98 -14.76
C ASP A 361 34.79 6.05 -13.57
N TRP A 362 35.26 5.54 -12.45
CA TRP A 362 34.47 5.41 -11.24
C TRP A 362 33.79 6.70 -10.82
N ASP A 363 34.55 7.80 -10.73
CA ASP A 363 34.03 9.07 -10.20
C ASP A 363 32.90 9.66 -11.05
N LYS A 364 33.01 9.58 -12.37
CA LYS A 364 31.97 10.00 -13.28
C LYS A 364 30.72 9.12 -13.15
N ALA A 365 30.90 7.81 -13.15
CA ALA A 365 29.81 6.87 -12.92
C ALA A 365 29.05 7.15 -11.62
N TRP A 366 29.78 7.41 -10.55
CA TRP A 366 29.18 7.71 -9.23
C TRP A 366 28.37 9.00 -9.24
N GLU A 367 28.91 10.04 -9.85
CA GLU A 367 28.19 11.30 -10.06
C GLU A 367 26.84 11.08 -10.77
N VAL A 368 26.87 10.30 -11.86
CA VAL A 368 25.66 9.98 -12.61
C VAL A 368 24.66 9.20 -11.75
N THR A 369 25.15 8.20 -11.05
CA THR A 369 24.32 7.35 -10.22
C THR A 369 23.59 8.14 -9.12
N VAL A 370 24.34 8.96 -8.38
CA VAL A 370 23.79 9.74 -7.29
C VAL A 370 22.74 10.74 -7.80
N LYS A 371 23.03 11.39 -8.92
CA LYS A 371 22.07 12.33 -9.51
C LYS A 371 20.82 11.69 -10.10
N THR A 372 20.91 10.40 -10.41
CA THR A 372 19.79 9.66 -10.97
C THR A 372 18.86 9.07 -9.91
N CYS A 373 19.43 8.56 -8.82
CA CYS A 373 18.67 7.81 -7.83
C CYS A 373 18.17 8.65 -6.66
N ALA A 374 16.97 8.29 -6.19
CA ALA A 374 16.39 8.87 -4.98
C ALA A 374 15.69 7.73 -4.21
N TYR A 375 15.70 7.85 -2.89
CA TYR A 375 15.28 6.78 -1.98
C TYR A 375 14.18 7.27 -1.05
N THR A 376 13.08 6.53 -1.01
CA THR A 376 12.02 6.74 -0.05
C THR A 376 12.06 5.65 1.01
N ASN A 377 12.14 6.08 2.27
CA ASN A 377 12.07 5.20 3.44
C ASN A 377 10.64 5.15 3.94
N HIS A 378 10.18 3.94 4.30
CA HIS A 378 8.81 3.72 4.75
C HIS A 378 8.66 3.09 6.13
N THR A 379 9.73 2.98 6.92
CA THR A 379 9.60 2.36 8.23
C THR A 379 10.83 2.63 9.05
N VAL A 380 10.64 2.75 10.36
CA VAL A 380 11.74 2.78 11.30
C VAL A 380 11.79 1.56 12.20
N LEU A 381 10.89 0.59 12.07
CA LEU A 381 10.97 -0.61 12.90
C LEU A 381 12.24 -1.38 12.52
N PRO A 382 13.09 -1.70 13.51
CA PRO A 382 14.38 -2.34 13.21
C PRO A 382 14.29 -3.71 12.51
N GLU A 383 13.28 -4.48 12.85
CA GLU A 383 13.05 -5.79 12.23
C GLU A 383 12.56 -5.72 10.76
N ALA A 384 12.20 -4.53 10.27
CA ALA A 384 11.78 -4.34 8.90
C ALA A 384 12.92 -3.90 7.96
N LEU A 385 14.04 -3.43 8.53
CA LEU A 385 15.17 -2.94 7.75
C LEU A 385 15.96 -4.07 7.10
N GLU A 386 16.31 -3.92 5.82
CA GLU A 386 16.99 -4.97 5.10
C GLU A 386 18.46 -4.92 5.42
N ARG A 387 18.96 -6.01 5.94
CA ARG A 387 20.37 -6.17 6.24
C ARG A 387 20.78 -7.54 5.71
N TRP A 388 21.36 -7.58 4.53
CA TRP A 388 21.65 -8.86 3.86
C TRP A 388 23.00 -9.43 4.33
N PRO A 389 23.01 -10.71 4.74
CA PRO A 389 24.31 -11.35 5.01
C PRO A 389 25.27 -11.29 3.82
N VAL A 390 26.52 -10.91 4.11
CA VAL A 390 27.57 -10.84 3.11
C VAL A 390 27.75 -12.16 2.37
N HIS A 391 27.66 -13.31 3.04
CA HIS A 391 27.86 -14.62 2.38
C HIS A 391 26.85 -14.88 1.26
N LEU A 392 25.61 -14.41 1.44
CA LEU A 392 24.60 -14.50 0.37
C LEU A 392 24.97 -13.68 -0.85
N LEU A 393 25.34 -12.43 -0.63
CA LEU A 393 25.75 -11.55 -1.73
C LEU A 393 27.01 -12.04 -2.40
N GLU A 394 27.93 -12.59 -1.61
CA GLU A 394 29.17 -13.10 -2.14
C GLU A 394 28.94 -14.24 -3.13
N THR A 395 28.00 -15.13 -2.83
CA THR A 395 27.68 -16.28 -3.69
C THR A 395 26.83 -15.85 -4.88
N LEU A 396 25.80 -15.06 -4.61
CA LEU A 396 24.78 -14.75 -5.65
C LEU A 396 25.25 -13.63 -6.58
N LEU A 397 25.91 -12.61 -6.03
CA LEU A 397 26.18 -11.36 -6.75
C LEU A 397 27.59 -10.88 -6.43
N PRO A 398 28.59 -11.69 -6.78
CA PRO A 398 29.94 -11.36 -6.34
C PRO A 398 30.49 -10.03 -6.84
N ARG A 399 30.14 -9.61 -8.06
CA ARG A 399 30.61 -8.30 -8.55
C ARG A 399 29.96 -7.14 -7.77
N HIS A 400 28.67 -7.26 -7.46
CA HIS A 400 27.95 -6.24 -6.72
C HIS A 400 28.53 -6.09 -5.30
N LEU A 401 28.93 -7.20 -4.69
CA LEU A 401 29.57 -7.09 -3.35
C LEU A 401 30.88 -6.29 -3.43
N GLN A 402 31.70 -6.53 -4.46
CA GLN A 402 32.93 -5.76 -4.64
C GLN A 402 32.65 -4.27 -4.80
N ILE A 403 31.63 -3.96 -5.58
CA ILE A 403 31.24 -2.58 -5.83
C ILE A 403 30.74 -1.93 -4.54
N ILE A 404 29.96 -2.67 -3.75
CA ILE A 404 29.48 -2.18 -2.45
C ILE A 404 30.65 -1.85 -1.49
N TYR A 405 31.62 -2.74 -1.41
CA TYR A 405 32.81 -2.48 -0.58
C TYR A 405 33.55 -1.20 -0.99
N GLU A 406 33.68 -0.99 -2.31
CA GLU A 406 34.33 0.20 -2.86
C GLU A 406 33.54 1.47 -2.55
N ILE A 407 32.20 1.39 -2.68
CA ILE A 407 31.35 2.51 -2.31
C ILE A 407 31.58 2.84 -0.83
N ASN A 408 31.62 1.80 0.00
CA ASN A 408 31.75 1.97 1.42
C ASN A 408 33.07 2.66 1.77
N GLN A 409 34.16 2.20 1.17
CA GLN A 409 35.48 2.76 1.47
C GLN A 409 35.56 4.23 1.09
N ARG A 410 35.06 4.57 -0.10
CA ARG A 410 35.03 5.94 -0.53
C ARG A 410 34.12 6.82 0.31
N PHE A 411 32.97 6.29 0.68
CA PHE A 411 32.04 7.01 1.56
C PHE A 411 32.63 7.29 2.96
N LEU A 412 33.20 6.26 3.57
CA LEU A 412 33.83 6.42 4.89
C LEU A 412 35.04 7.34 4.85
N ASN A 413 35.77 7.39 3.72
CA ASN A 413 36.82 8.40 3.56
C ASN A 413 36.29 9.83 3.64
N ARG A 414 35.11 10.09 3.10
CA ARG A 414 34.46 11.41 3.24
C ARG A 414 34.04 11.70 4.67
N VAL A 415 33.49 10.69 5.36
CA VAL A 415 33.09 10.84 6.75
C VAL A 415 34.29 11.22 7.62
N ALA A 416 35.39 10.49 7.45
CA ALA A 416 36.60 10.72 8.23
C ALA A 416 37.20 12.11 8.00
N ALA A 417 37.11 12.61 6.77
CA ALA A 417 37.56 13.97 6.45
C ALA A 417 36.67 15.03 7.09
N ALA A 418 35.37 14.76 7.19
CA ALA A 418 34.43 15.73 7.76
C ALA A 418 34.43 15.71 9.29
N PHE A 419 34.65 14.54 9.89
CA PHE A 419 34.57 14.36 11.33
C PHE A 419 35.83 13.63 11.80
N PRO A 420 36.99 14.30 11.71
CA PRO A 420 38.23 13.56 11.95
C PRO A 420 38.34 13.11 13.40
N GLY A 421 38.79 11.88 13.58
CA GLY A 421 38.94 11.26 14.89
C GLY A 421 37.70 10.59 15.44
N ASP A 422 36.55 10.77 14.78
CA ASP A 422 35.29 10.24 15.29
C ASP A 422 35.12 8.81 14.80
N VAL A 423 35.86 7.91 15.46
CA VAL A 423 35.91 6.49 15.06
C VAL A 423 34.60 5.79 15.25
N ASP A 424 33.86 6.18 16.28
CA ASP A 424 32.57 5.56 16.49
C ASP A 424 31.58 5.89 15.37
N ARG A 425 31.60 7.14 14.89
CA ARG A 425 30.77 7.53 13.74
C ARG A 425 31.09 6.67 12.51
N LEU A 426 32.37 6.38 12.24
CA LEU A 426 32.74 5.48 11.14
C LEU A 426 32.09 4.10 11.25
N ARG A 427 32.10 3.53 12.44
CA ARG A 427 31.42 2.25 12.68
C ARG A 427 29.91 2.38 12.46
N ARG A 428 29.26 3.41 13.00
CA ARG A 428 27.81 3.56 12.86
C ARG A 428 27.35 3.78 11.42
N MET A 429 28.16 4.48 10.63
CA MET A 429 27.75 4.89 9.29
C MET A 429 28.13 3.85 8.23
N SER A 430 28.95 2.86 8.59
CA SER A 430 29.47 1.92 7.58
C SER A 430 28.30 1.25 6.89
N LEU A 431 28.46 0.97 5.60
CA LEU A 431 27.48 0.13 4.91
C LEU A 431 27.60 -1.33 5.36
N VAL A 432 28.78 -1.70 5.88
CA VAL A 432 29.06 -3.06 6.32
C VAL A 432 28.91 -3.10 7.84
N GLU A 433 27.99 -3.93 8.32
CA GLU A 433 27.85 -4.17 9.76
C GLU A 433 28.66 -5.37 10.25
N GLU A 434 29.46 -5.15 11.28
CA GLU A 434 30.22 -6.22 11.93
C GLU A 434 29.36 -7.05 12.90
N GLY A 435 29.83 -8.25 13.19
CA GLY A 435 29.09 -9.22 14.01
C GLY A 435 29.56 -10.62 13.70
N ALA A 436 28.93 -11.61 14.32
CA ALA A 436 29.19 -13.02 13.98
C ALA A 436 28.85 -13.25 12.49
N VAL A 437 27.75 -12.66 12.04
CA VAL A 437 27.38 -12.59 10.62
C VAL A 437 27.57 -11.15 10.13
N LYS A 438 28.52 -10.90 9.23
CA LYS A 438 28.67 -9.59 8.59
C LYS A 438 27.44 -9.36 7.66
N ARG A 439 26.87 -8.16 7.68
CA ARG A 439 25.72 -7.81 6.84
C ARG A 439 25.95 -6.48 6.12
N ILE A 440 25.25 -6.29 5.01
CA ILE A 440 25.20 -4.99 4.33
C ILE A 440 23.92 -4.30 4.74
N ASN A 441 24.03 -3.06 5.23
CA ASN A 441 22.85 -2.28 5.58
C ASN A 441 22.38 -1.55 4.32
N MET A 442 21.24 -1.97 3.78
CA MET A 442 20.81 -1.47 2.48
C MET A 442 20.34 -0.02 2.55
N ALA A 443 19.83 0.40 3.70
CA ALA A 443 19.40 1.78 3.89
C ALA A 443 20.61 2.73 3.83
N HIS A 444 21.72 2.32 4.43
CA HIS A 444 22.96 3.10 4.34
C HIS A 444 23.45 3.18 2.92
N LEU A 445 23.39 2.07 2.18
CA LEU A 445 23.71 2.10 0.74
C LEU A 445 22.83 3.11 -0.04
N CYS A 446 21.53 3.08 0.21
CA CYS A 446 20.59 4.00 -0.48
C CYS A 446 20.87 5.46 -0.18
N ILE A 447 21.21 5.79 1.06
CA ILE A 447 21.50 7.18 1.42
C ILE A 447 22.77 7.66 0.73
N ALA A 448 23.82 6.83 0.78
CA ALA A 448 25.09 7.15 0.13
C ALA A 448 24.93 7.39 -1.37
N GLY A 449 24.10 6.59 -2.02
CA GLY A 449 23.97 6.59 -3.47
C GLY A 449 22.83 7.36 -4.08
N SER A 450 22.11 8.16 -3.28
CA SER A 450 20.95 8.92 -3.71
C SER A 450 21.14 10.42 -3.45
N HIS A 451 20.63 11.26 -4.35
CA HIS A 451 20.66 12.72 -4.14
C HIS A 451 19.53 13.22 -3.26
N ALA A 452 18.54 12.39 -3.00
CA ALA A 452 17.41 12.76 -2.13
C ALA A 452 16.96 11.53 -1.37
N VAL A 453 16.66 11.73 -0.10
CA VAL A 453 16.12 10.74 0.81
C VAL A 453 14.90 11.36 1.44
N ASN A 454 13.74 10.68 1.37
CA ASN A 454 12.55 11.20 2.02
C ASN A 454 11.82 10.20 2.90
N GLY A 455 11.20 10.72 3.95
CA GLY A 455 10.17 9.99 4.70
C GLY A 455 8.81 10.36 4.14
N VAL A 456 7.77 9.78 4.74
CA VAL A 456 6.44 9.70 4.13
C VAL A 456 5.36 10.40 4.93
N ALA A 457 5.78 11.10 5.99
CA ALA A 457 4.94 12.02 6.75
C ALA A 457 5.87 12.90 7.56
N ARG A 458 5.42 14.09 7.92
CA ARG A 458 6.31 15.06 8.58
C ARG A 458 6.97 14.48 9.83
N ILE A 459 6.19 13.86 10.72
CA ILE A 459 6.76 13.33 11.95
C ILE A 459 7.80 12.21 11.68
N HIS A 460 7.53 11.37 10.67
CA HIS A 460 8.44 10.32 10.26
C HIS A 460 9.75 10.89 9.67
N SER A 461 9.67 11.86 8.77
CA SER A 461 10.87 12.48 8.22
C SER A 461 11.73 13.16 9.32
N GLU A 462 11.08 13.73 10.33
CA GLU A 462 11.79 14.30 11.48
C GLU A 462 12.46 13.22 12.30
N ILE A 463 11.75 12.13 12.59
CA ILE A 463 12.33 10.98 13.28
C ILE A 463 13.58 10.43 12.54
N LEU A 464 13.54 10.38 11.21
CA LEU A 464 14.71 9.93 10.44
C LEU A 464 15.92 10.82 10.69
N LYS A 465 15.70 12.13 10.71
CA LYS A 465 16.80 13.10 10.95
C LYS A 465 17.33 13.11 12.38
N LYS A 466 16.46 12.81 13.35
CA LYS A 466 16.82 12.85 14.79
C LYS A 466 17.36 11.56 15.32
N THR A 467 16.97 10.43 14.74
CA THR A 467 17.31 9.11 15.29
C THR A 467 18.09 8.26 14.30
N ILE A 468 17.43 7.46 13.47
CA ILE A 468 18.17 6.38 12.82
C ILE A 468 19.12 6.84 11.74
N PHE A 469 18.85 7.98 11.09
CA PHE A 469 19.78 8.53 10.09
C PHE A 469 20.40 9.86 10.49
N LYS A 470 20.42 10.15 11.79
CA LYS A 470 21.04 11.34 12.32
C LYS A 470 22.46 11.62 11.80
N ASP A 471 23.31 10.59 11.78
CA ASP A 471 24.70 10.76 11.34
C ASP A 471 24.76 11.22 9.87
N PHE A 472 23.87 10.67 9.05
CA PHE A 472 23.84 10.95 7.62
C PHE A 472 23.30 12.34 7.37
N TYR A 473 22.29 12.71 8.13
CA TYR A 473 21.77 14.07 8.10
C TYR A 473 22.85 15.12 8.44
N GLU A 474 23.70 14.81 9.41
CA GLU A 474 24.77 15.76 9.78
C GLU A 474 25.80 15.90 8.69
N LEU A 475 26.08 14.81 7.97
CA LEU A 475 27.03 14.86 6.87
C LEU A 475 26.46 15.57 5.65
N GLU A 476 25.20 15.29 5.31
CA GLU A 476 24.60 15.78 4.05
C GLU A 476 23.16 16.24 4.29
N PRO A 477 22.99 17.34 5.01
CA PRO A 477 21.62 17.76 5.39
C PRO A 477 20.69 18.05 4.21
N HIS A 478 21.27 18.57 3.12
CA HIS A 478 20.55 18.85 1.86
C HIS A 478 19.80 17.66 1.23
N LYS A 479 20.24 16.44 1.50
CA LYS A 479 19.58 15.27 0.94
C LYS A 479 18.20 14.99 1.53
N PHE A 480 17.95 15.40 2.77
CA PHE A 480 16.81 14.90 3.52
C PHE A 480 15.57 15.74 3.31
N GLN A 481 14.48 15.06 2.92
CA GLN A 481 13.24 15.74 2.60
C GLN A 481 12.07 15.02 3.22
N ASN A 482 10.91 15.66 3.16
CA ASN A 482 9.63 15.03 3.49
C ASN A 482 8.73 15.05 2.27
N LYS A 483 7.99 13.97 2.07
CA LYS A 483 6.91 13.93 1.09
C LYS A 483 5.76 13.18 1.75
N THR A 484 4.82 13.91 2.32
CA THR A 484 3.72 13.27 3.00
C THR A 484 2.89 12.47 1.98
N ASN A 485 2.54 11.26 2.35
CA ASN A 485 1.77 10.39 1.51
C ASN A 485 0.39 10.94 1.16
N GLY A 486 -0.23 10.30 0.19
CA GLY A 486 -1.57 10.63 -0.23
C GLY A 486 -2.25 9.42 -0.86
N ILE A 487 -3.50 9.61 -1.25
CA ILE A 487 -4.33 8.58 -1.90
C ILE A 487 -5.00 9.20 -3.12
N THR A 488 -5.30 8.38 -4.13
CA THR A 488 -5.97 8.93 -5.28
C THR A 488 -7.47 9.15 -5.05
N PRO A 489 -7.97 10.35 -5.32
CA PRO A 489 -9.40 10.57 -5.14
C PRO A 489 -10.25 9.95 -6.23
N ARG A 490 -9.64 9.43 -7.31
CA ARG A 490 -10.40 8.67 -8.27
C ARG A 490 -10.91 7.38 -7.66
N ARG A 491 -10.01 6.45 -7.31
CA ARG A 491 -10.43 5.20 -6.68
C ARG A 491 -11.14 5.43 -5.32
N TRP A 492 -10.62 6.32 -4.49
CA TRP A 492 -11.02 6.37 -3.09
C TRP A 492 -12.12 7.38 -2.79
N LEU A 493 -12.69 7.98 -3.81
CA LEU A 493 -13.93 8.74 -3.64
C LEU A 493 -14.93 8.48 -4.75
N VAL A 494 -14.55 8.81 -5.98
CA VAL A 494 -15.47 8.73 -7.12
C VAL A 494 -15.89 7.29 -7.38
N LEU A 495 -14.91 6.39 -7.42
CA LEU A 495 -15.20 5.00 -7.71
C LEU A 495 -15.96 4.33 -6.56
N CYS A 496 -15.46 4.43 -5.34
CA CYS A 496 -16.03 3.67 -4.24
C CYS A 496 -17.23 4.34 -3.54
N ASN A 497 -17.42 5.64 -3.74
CA ASN A 497 -18.49 6.38 -3.06
C ASN A 497 -19.14 7.40 -4.02
N PRO A 498 -19.81 6.89 -5.07
CA PRO A 498 -20.40 7.81 -6.03
C PRO A 498 -21.46 8.74 -5.45
N GLY A 499 -22.19 8.26 -4.44
CA GLY A 499 -23.20 9.09 -3.76
C GLY A 499 -22.62 10.34 -3.12
N LEU A 500 -21.48 10.19 -2.45
CA LEU A 500 -20.82 11.33 -1.85
C LEU A 500 -20.22 12.23 -2.92
N ALA A 501 -19.58 11.64 -3.91
CA ALA A 501 -18.99 12.43 -5.01
C ALA A 501 -20.05 13.33 -5.66
N GLU A 502 -21.26 12.80 -5.81
CA GLU A 502 -22.31 13.47 -6.53
C GLU A 502 -22.85 14.66 -5.73
N ILE A 503 -23.10 14.46 -4.44
CA ILE A 503 -23.64 15.55 -3.62
C ILE A 503 -22.62 16.68 -3.48
N ILE A 504 -21.34 16.34 -3.49
CA ILE A 504 -20.30 17.36 -3.51
C ILE A 504 -20.32 18.10 -4.86
N ALA A 505 -20.37 17.35 -5.95
CA ALA A 505 -20.40 17.94 -7.30
C ALA A 505 -21.60 18.88 -7.52
N GLU A 506 -22.73 18.56 -6.92
CA GLU A 506 -23.91 19.43 -7.02
C GLU A 506 -23.66 20.84 -6.50
N ARG A 507 -22.84 20.96 -5.48
CA ARG A 507 -22.50 22.23 -4.85
C ARG A 507 -21.31 22.93 -5.51
N ILE A 508 -20.22 22.21 -5.75
CA ILE A 508 -18.96 22.85 -6.15
C ILE A 508 -18.38 22.40 -7.51
N GLY A 509 -19.16 21.66 -8.29
CA GLY A 509 -18.73 21.23 -9.60
C GLY A 509 -17.84 20.00 -9.52
N GLU A 510 -17.30 19.63 -10.67
CA GLU A 510 -16.48 18.44 -10.84
C GLU A 510 -14.98 18.64 -10.77
N GLU A 511 -14.51 19.89 -10.71
CA GLU A 511 -13.07 20.15 -10.81
C GLU A 511 -12.27 19.58 -9.64
N TYR A 512 -12.92 19.37 -8.49
CA TYR A 512 -12.24 18.84 -7.30
C TYR A 512 -11.63 17.46 -7.51
N ILE A 513 -12.16 16.68 -8.47
CA ILE A 513 -11.68 15.31 -8.66
C ILE A 513 -10.20 15.26 -9.07
N SER A 514 -9.72 16.30 -9.76
CA SER A 514 -8.29 16.42 -10.06
C SER A 514 -7.64 17.61 -9.37
N ASP A 515 -8.32 18.22 -8.39
CA ASP A 515 -7.78 19.34 -7.63
C ASP A 515 -8.47 19.32 -6.29
N LEU A 516 -8.06 18.38 -5.45
CA LEU A 516 -8.82 18.03 -4.25
C LEU A 516 -8.89 19.14 -3.21
N ASP A 517 -7.96 20.08 -3.27
CA ASP A 517 -8.00 21.31 -2.44
C ASP A 517 -9.28 22.11 -2.55
N GLN A 518 -9.99 21.95 -3.66
CA GLN A 518 -11.30 22.57 -3.83
C GLN A 518 -12.39 22.12 -2.85
N LEU A 519 -12.21 20.97 -2.20
CA LEU A 519 -13.12 20.54 -1.13
C LEU A 519 -13.24 21.55 0.02
N ARG A 520 -12.22 22.38 0.21
CA ARG A 520 -12.27 23.49 1.17
C ARG A 520 -13.50 24.40 1.00
N LYS A 521 -14.01 24.50 -0.23
CA LYS A 521 -15.25 25.25 -0.50
C LYS A 521 -16.44 24.68 0.29
N LEU A 522 -16.40 23.40 0.66
CA LEU A 522 -17.46 22.79 1.46
C LEU A 522 -17.64 23.36 2.86
N LEU A 523 -16.62 24.01 3.42
CA LEU A 523 -16.76 24.65 4.72
C LEU A 523 -17.86 25.73 4.73
N SER A 524 -18.18 26.30 3.58
CA SER A 524 -19.27 27.27 3.51
C SER A 524 -20.66 26.61 3.50
N TYR A 525 -20.74 25.27 3.59
CA TYR A 525 -22.00 24.53 3.70
C TYR A 525 -22.18 23.81 5.04
N VAL A 526 -21.30 24.09 5.99
CA VAL A 526 -21.34 23.39 7.28
C VAL A 526 -22.61 23.70 8.11
N ASP A 527 -23.23 24.85 7.86
CA ASP A 527 -24.51 25.19 8.48
C ASP A 527 -25.70 25.08 7.52
N ASP A 528 -25.52 24.42 6.37
CA ASP A 528 -26.59 24.33 5.36
C ASP A 528 -27.36 23.06 5.69
N GLU A 529 -28.64 23.21 6.04
CA GLU A 529 -29.47 22.09 6.50
C GLU A 529 -29.61 20.99 5.45
N ALA A 530 -29.72 21.37 4.18
CA ALA A 530 -29.89 20.41 3.09
C ALA A 530 -28.62 19.59 2.89
N PHE A 531 -27.46 20.26 2.91
CA PHE A 531 -26.18 19.55 2.78
C PHE A 531 -25.95 18.58 3.94
N ILE A 532 -26.15 19.04 5.16
CA ILE A 532 -26.10 18.17 6.37
C ILE A 532 -26.96 16.92 6.16
N ARG A 533 -28.20 17.11 5.75
CA ARG A 533 -29.10 15.98 5.49
C ARG A 533 -28.54 15.03 4.41
N ASP A 534 -28.02 15.57 3.32
CA ASP A 534 -27.54 14.74 2.20
C ASP A 534 -26.29 13.94 2.59
N VAL A 535 -25.36 14.58 3.29
CA VAL A 535 -24.16 13.88 3.79
C VAL A 535 -24.55 12.66 4.67
N ALA A 536 -25.46 12.89 5.62
CA ALA A 536 -25.93 11.84 6.51
C ALA A 536 -26.70 10.75 5.75
N LYS A 537 -27.46 11.14 4.74
CA LYS A 537 -28.22 10.19 3.91
C LYS A 537 -27.29 9.25 3.11
N VAL A 538 -26.26 9.82 2.51
CA VAL A 538 -25.27 9.03 1.78
C VAL A 538 -24.58 7.99 2.71
N LYS A 539 -24.16 8.42 3.90
CA LYS A 539 -23.58 7.49 4.87
C LYS A 539 -24.55 6.36 5.21
N GLN A 540 -25.80 6.72 5.48
CA GLN A 540 -26.81 5.72 5.80
C GLN A 540 -27.01 4.72 4.66
N GLU A 541 -27.10 5.20 3.44
CA GLU A 541 -27.21 4.32 2.26
C GLU A 541 -26.01 3.36 2.16
N ASN A 542 -24.81 3.89 2.37
CA ASN A 542 -23.60 3.07 2.34
C ASN A 542 -23.60 2.01 3.44
N LYS A 543 -24.10 2.36 4.62
CA LYS A 543 -24.19 1.40 5.73
C LYS A 543 -25.18 0.28 5.41
N LEU A 544 -26.35 0.64 4.89
CA LEU A 544 -27.35 -0.35 4.46
C LEU A 544 -26.82 -1.29 3.40
N LYS A 545 -26.14 -0.73 2.40
CA LYS A 545 -25.54 -1.50 1.32
C LYS A 545 -24.47 -2.46 1.87
N PHE A 546 -23.64 -1.99 2.80
CA PHE A 546 -22.63 -2.88 3.40
C PHE A 546 -23.23 -3.96 4.30
N ALA A 547 -24.25 -3.61 5.08
CA ALA A 547 -24.97 -4.56 5.94
C ALA A 547 -25.61 -5.71 5.13
N ALA A 548 -26.12 -5.37 3.94
CA ALA A 548 -26.68 -6.37 3.01
C ALA A 548 -25.60 -7.23 2.37
N TYR A 549 -24.43 -6.66 2.10
CA TYR A 549 -23.29 -7.42 1.56
C TYR A 549 -22.88 -8.48 2.58
N LEU A 550 -22.78 -8.08 3.84
CA LEU A 550 -22.46 -9.01 4.92
C LEU A 550 -23.42 -10.18 5.03
N GLU A 551 -24.73 -9.90 5.07
CA GLU A 551 -25.75 -10.97 5.09
C GLU A 551 -25.64 -11.95 3.90
N ARG A 552 -25.53 -11.42 2.69
CA ARG A 552 -25.51 -12.24 1.47
C ARG A 552 -24.27 -13.15 1.36
N GLU A 553 -23.09 -12.55 1.45
CA GLU A 553 -21.81 -13.27 1.22
C GLU A 553 -21.23 -13.97 2.46
N TYR A 554 -21.65 -13.58 3.67
CA TYR A 554 -21.09 -14.18 4.90
C TYR A 554 -22.10 -14.49 6.02
N LYS A 555 -23.38 -14.60 5.68
CA LYS A 555 -24.44 -15.09 6.62
C LYS A 555 -24.41 -14.46 8.05
N VAL A 556 -24.17 -13.16 8.11
CA VAL A 556 -24.08 -12.43 9.40
C VAL A 556 -25.00 -11.20 9.43
N HIS A 557 -25.45 -10.84 10.64
CA HIS A 557 -26.67 -10.03 10.86
C HIS A 557 -26.42 -8.79 11.74
N ILE A 558 -26.18 -7.64 11.10
CA ILE A 558 -25.81 -6.41 11.83
C ILE A 558 -26.89 -5.32 11.83
N ASN A 559 -26.91 -4.52 12.88
CA ASN A 559 -27.82 -3.40 13.03
C ASN A 559 -27.27 -2.15 12.32
N PRO A 560 -27.93 -1.71 11.22
CA PRO A 560 -27.35 -0.60 10.45
C PRO A 560 -27.55 0.81 11.09
N ASN A 561 -28.29 0.91 12.19
CA ASN A 561 -28.36 2.15 12.97
C ASN A 561 -27.26 2.30 14.00
N SER A 562 -26.46 1.26 14.19
CA SER A 562 -25.33 1.30 15.13
C SER A 562 -24.17 2.10 14.55
N LEU A 563 -23.30 2.55 15.44
CA LEU A 563 -22.08 3.25 15.04
C LEU A 563 -21.15 2.18 14.46
N PHE A 564 -20.67 2.39 13.24
CA PHE A 564 -19.77 1.43 12.58
C PHE A 564 -18.31 1.84 12.89
N ASP A 565 -17.68 1.04 13.74
CA ASP A 565 -16.37 1.30 14.36
C ASP A 565 -15.42 0.33 13.67
N VAL A 566 -14.51 0.83 12.86
CA VAL A 566 -13.80 0.00 11.88
C VAL A 566 -12.30 0.15 12.03
N GLN A 567 -11.61 -0.99 12.17
CA GLN A 567 -10.14 -1.04 12.13
C GLN A 567 -9.73 -2.09 11.09
N VAL A 568 -9.33 -1.61 9.92
CA VAL A 568 -8.92 -2.51 8.83
C VAL A 568 -7.52 -2.09 8.37
N LYS A 569 -6.62 -3.08 8.36
CA LYS A 569 -5.20 -2.90 8.11
C LYS A 569 -4.55 -4.25 8.44
N ARG A 570 -3.32 -4.44 8.00
CA ARG A 570 -2.62 -5.67 8.34
C ARG A 570 -2.52 -5.86 9.85
N ILE A 571 -2.55 -7.11 10.29
CA ILE A 571 -2.44 -7.43 11.70
C ILE A 571 -0.97 -7.32 12.13
N HIS A 572 -0.68 -6.43 13.07
CA HIS A 572 0.67 -6.25 13.59
C HIS A 572 0.59 -5.75 15.03
N GLU A 573 1.52 -6.18 15.87
CA GLU A 573 1.57 -5.63 17.24
C GLU A 573 1.63 -4.09 17.29
N TYR A 574 2.38 -3.45 16.38
CA TYR A 574 2.52 -2.00 16.44
C TYR A 574 1.23 -1.26 16.12
N LYS A 575 0.33 -1.90 15.37
CA LYS A 575 -0.95 -1.29 14.99
C LYS A 575 -2.00 -1.41 16.11
N ARG A 576 -1.73 -2.27 17.09
CA ARG A 576 -2.49 -2.33 18.34
C ARG A 576 -3.98 -2.65 18.15
N GLN A 577 -4.27 -3.61 17.27
CA GLN A 577 -5.57 -4.27 17.29
C GLN A 577 -5.90 -4.75 18.71
N LEU A 578 -4.89 -5.15 19.48
CA LEU A 578 -5.12 -5.55 20.86
C LEU A 578 -5.68 -4.44 21.77
N LEU A 579 -5.29 -3.20 21.54
CA LEU A 579 -5.85 -2.11 22.32
C LEU A 579 -7.35 -1.99 22.02
N ASN A 580 -7.70 -2.12 20.74
CA ASN A 580 -9.13 -2.16 20.33
C ASN A 580 -9.88 -3.29 21.06
N CYS A 581 -9.31 -4.48 21.04
CA CYS A 581 -9.87 -5.63 21.77
C CYS A 581 -10.14 -5.32 23.24
N LEU A 582 -9.20 -4.64 23.90
CA LEU A 582 -9.38 -4.29 25.31
C LEU A 582 -10.57 -3.35 25.51
N HIS A 583 -10.76 -2.42 24.58
CA HIS A 583 -11.93 -1.53 24.64
C HIS A 583 -13.24 -2.32 24.44
N VAL A 584 -13.25 -3.22 23.44
CA VAL A 584 -14.44 -4.02 23.19
C VAL A 584 -14.85 -4.80 24.43
N ILE A 585 -13.89 -5.47 25.08
CA ILE A 585 -14.18 -6.23 26.31
C ILE A 585 -14.68 -5.30 27.45
N THR A 586 -14.11 -4.10 27.52
CA THR A 586 -14.48 -3.11 28.52
C THR A 586 -15.98 -2.74 28.34
N LEU A 587 -16.39 -2.50 27.10
CA LEU A 587 -17.79 -2.22 26.79
C LEU A 587 -18.70 -3.38 27.14
N TYR A 588 -18.28 -4.60 26.77
CA TYR A 588 -19.02 -5.81 27.15
C TYR A 588 -19.21 -5.93 28.67
N ASN A 589 -18.12 -5.78 29.41
CA ASN A 589 -18.18 -5.86 30.89
C ASN A 589 -19.06 -4.78 31.54
N ARG A 590 -19.01 -3.57 31.00
CA ARG A 590 -19.90 -2.48 31.44
C ARG A 590 -21.39 -2.76 31.21
N ILE A 591 -21.71 -3.33 30.05
CA ILE A 591 -23.09 -3.75 29.76
C ILE A 591 -23.53 -4.85 30.73
N LYS A 592 -22.67 -5.84 30.95
CA LYS A 592 -23.01 -6.93 31.85
C LYS A 592 -23.18 -6.48 33.31
N LYS A 593 -22.46 -5.44 33.70
CA LYS A 593 -22.57 -4.86 35.03
C LYS A 593 -23.86 -4.06 35.22
N GLU A 594 -24.24 -3.27 34.21
CA GLU A 594 -25.46 -2.44 34.23
C GLU A 594 -26.26 -2.64 32.94
N PRO A 595 -26.95 -3.79 32.84
CA PRO A 595 -27.55 -4.15 31.55
C PRO A 595 -28.70 -3.25 31.10
N ASN A 596 -29.37 -2.59 32.04
CA ASN A 596 -30.53 -1.76 31.69
C ASN A 596 -30.22 -0.28 31.47
N LYS A 597 -28.94 0.09 31.48
CA LYS A 597 -28.49 1.43 31.14
C LYS A 597 -28.33 1.56 29.62
N PHE A 598 -28.73 2.70 29.06
CA PHE A 598 -28.56 2.96 27.64
C PHE A 598 -27.07 3.10 27.31
N VAL A 599 -26.65 2.48 26.22
CA VAL A 599 -25.33 2.73 25.59
C VAL A 599 -25.55 2.89 24.09
N VAL A 600 -24.77 3.77 23.47
CA VAL A 600 -24.81 3.93 22.02
C VAL A 600 -24.43 2.58 21.37
N PRO A 601 -25.32 2.02 20.53
CA PRO A 601 -25.02 0.75 19.88
C PRO A 601 -23.82 0.85 18.95
N ARG A 602 -22.94 -0.16 18.96
CA ARG A 602 -21.81 -0.23 18.04
C ARG A 602 -21.75 -1.55 17.33
N THR A 603 -21.28 -1.50 16.08
CA THR A 603 -20.77 -2.66 15.38
C THR A 603 -19.28 -2.46 15.22
N VAL A 604 -18.51 -3.30 15.91
CA VAL A 604 -17.06 -3.21 15.87
C VAL A 604 -16.55 -4.21 14.82
N MET A 605 -15.91 -3.68 13.79
CA MET A 605 -15.38 -4.47 12.69
C MET A 605 -13.88 -4.34 12.65
N ILE A 606 -13.21 -5.48 12.67
CA ILE A 606 -11.77 -5.55 12.60
C ILE A 606 -11.43 -6.52 11.50
N GLY A 607 -10.53 -6.13 10.60
CA GLY A 607 -10.12 -7.05 9.53
C GLY A 607 -8.68 -6.80 9.16
N GLY A 608 -8.05 -7.83 8.60
CA GLY A 608 -6.69 -7.72 8.14
C GLY A 608 -6.03 -9.07 8.11
N LYS A 609 -5.02 -9.18 7.26
CA LYS A 609 -4.24 -10.41 7.15
C LYS A 609 -3.02 -10.40 8.06
N ALA A 610 -2.70 -11.57 8.60
CA ALA A 610 -1.47 -11.80 9.35
C ALA A 610 -0.47 -12.49 8.42
N ALA A 611 0.79 -12.10 8.51
CA ALA A 611 1.84 -12.83 7.80
C ALA A 611 1.84 -14.30 8.29
N PRO A 612 1.97 -15.27 7.37
CA PRO A 612 1.83 -16.68 7.75
C PRO A 612 2.76 -17.17 8.86
N GLY A 613 3.95 -16.62 8.98
CA GLY A 613 4.83 -17.07 10.07
C GLY A 613 4.81 -16.24 11.36
N TYR A 614 3.86 -15.32 11.49
CA TYR A 614 3.86 -14.36 12.59
C TYR A 614 2.85 -14.88 13.61
N HIS A 615 3.35 -15.68 14.54
CA HIS A 615 2.52 -16.37 15.51
C HIS A 615 1.60 -15.42 16.31
N MET A 616 2.15 -14.34 16.85
CA MET A 616 1.37 -13.43 17.71
C MET A 616 0.22 -12.77 16.92
N ALA A 617 0.47 -12.44 15.65
CA ALA A 617 -0.61 -11.89 14.81
C ALA A 617 -1.73 -12.89 14.55
N LYS A 618 -1.36 -14.15 14.38
CA LYS A 618 -2.36 -15.19 14.26
C LYS A 618 -3.15 -15.38 15.56
N MET A 619 -2.49 -15.24 16.71
CA MET A 619 -3.19 -15.34 18.00
C MET A 619 -4.18 -14.17 18.19
N ILE A 620 -3.81 -12.99 17.72
CA ILE A 620 -4.69 -11.80 17.79
C ILE A 620 -5.98 -12.01 16.97
N ILE A 621 -5.86 -12.57 15.77
CA ILE A 621 -7.03 -12.93 14.99
C ILE A 621 -7.93 -13.88 15.79
N LYS A 622 -7.34 -14.93 16.37
CA LYS A 622 -8.11 -15.87 17.15
C LYS A 622 -8.81 -15.19 18.34
N LEU A 623 -8.12 -14.28 19.03
CA LEU A 623 -8.75 -13.54 20.14
C LEU A 623 -9.95 -12.73 19.67
N ILE A 624 -9.82 -12.06 18.52
CA ILE A 624 -10.91 -11.24 18.00
C ILE A 624 -12.15 -12.09 17.71
N THR A 625 -11.96 -13.23 17.06
CA THR A 625 -13.08 -14.11 16.76
C THR A 625 -13.66 -14.72 18.05
N ALA A 626 -12.80 -15.02 19.04
CA ALA A 626 -13.27 -15.57 20.32
C ALA A 626 -14.10 -14.56 21.14
N ILE A 627 -13.72 -13.29 21.09
CA ILE A 627 -14.51 -12.21 21.69
C ILE A 627 -15.88 -12.14 21.03
N GLY A 628 -15.90 -12.13 19.70
CA GLY A 628 -17.15 -12.23 18.93
C GLY A 628 -18.04 -13.40 19.31
N ASP A 629 -17.44 -14.57 19.47
CA ASP A 629 -18.21 -15.77 19.89
C ASP A 629 -18.96 -15.57 21.21
N VAL A 630 -18.36 -14.84 22.17
CA VAL A 630 -19.03 -14.57 23.45
C VAL A 630 -20.04 -13.43 23.31
N VAL A 631 -19.59 -12.30 22.75
CA VAL A 631 -20.38 -11.06 22.73
C VAL A 631 -21.63 -11.19 21.87
N ASN A 632 -21.46 -11.78 20.69
CA ASN A 632 -22.53 -11.83 19.69
C ASN A 632 -23.64 -12.80 20.06
N HIS A 633 -23.40 -13.68 21.04
CA HIS A 633 -24.39 -14.67 21.46
C HIS A 633 -24.90 -14.47 22.89
N ASP A 634 -24.53 -13.35 23.52
CA ASP A 634 -25.01 -13.02 24.84
C ASP A 634 -26.36 -12.29 24.71
N PRO A 635 -27.46 -12.92 25.17
CA PRO A 635 -28.77 -12.30 24.95
C PRO A 635 -28.99 -10.97 25.71
N VAL A 636 -28.24 -10.74 26.78
CA VAL A 636 -28.32 -9.49 27.54
C VAL A 636 -27.75 -8.30 26.75
N VAL A 637 -26.76 -8.57 25.89
CA VAL A 637 -26.16 -7.54 25.05
C VAL A 637 -27.13 -7.08 23.96
N GLY A 638 -27.84 -8.05 23.37
CA GLY A 638 -28.83 -7.75 22.33
C GLY A 638 -28.11 -7.33 21.07
N ASP A 639 -28.65 -6.32 20.37
CA ASP A 639 -27.93 -5.72 19.24
C ASP A 639 -27.20 -4.41 19.64
N ARG A 640 -26.89 -4.24 20.92
CA ARG A 640 -26.13 -3.08 21.36
C ARG A 640 -24.63 -3.16 21.06
N LEU A 641 -24.09 -4.37 20.91
CA LEU A 641 -22.67 -4.57 20.64
C LEU A 641 -22.50 -5.83 19.80
N ARG A 642 -21.85 -5.69 18.65
CA ARG A 642 -21.52 -6.80 17.76
C ARG A 642 -20.05 -6.66 17.40
N VAL A 643 -19.33 -7.78 17.34
CA VAL A 643 -17.90 -7.79 17.00
C VAL A 643 -17.74 -8.73 15.81
N ILE A 644 -17.27 -8.19 14.69
CA ILE A 644 -17.21 -8.93 13.43
C ILE A 644 -15.76 -8.91 12.94
N PHE A 645 -15.22 -10.07 12.60
CA PHE A 645 -13.92 -10.13 11.96
C PHE A 645 -14.18 -10.16 10.46
N LEU A 646 -13.70 -9.15 9.74
CA LEU A 646 -13.92 -9.06 8.28
C LEU A 646 -12.85 -9.89 7.57
N GLU A 647 -13.29 -10.95 6.94
CA GLU A 647 -12.42 -11.95 6.34
C GLU A 647 -11.87 -11.42 5.01
N ASN A 648 -10.61 -11.74 4.73
CA ASN A 648 -9.96 -11.48 3.45
C ASN A 648 -9.91 -10.00 3.05
N TYR A 649 -9.51 -9.16 4.00
CA TYR A 649 -9.37 -7.74 3.73
C TYR A 649 -8.36 -7.50 2.62
N ARG A 650 -8.78 -6.71 1.63
CA ARG A 650 -8.05 -6.50 0.37
C ARG A 650 -8.62 -5.24 -0.24
N VAL A 651 -8.05 -4.80 -1.36
CA VAL A 651 -8.49 -3.50 -1.95
C VAL A 651 -9.99 -3.48 -2.27
N SER A 652 -10.52 -4.53 -2.91
CA SER A 652 -11.95 -4.53 -3.24
C SER A 652 -12.87 -4.50 -1.99
N LEU A 653 -12.45 -5.12 -0.88
CA LEU A 653 -13.21 -5.00 0.38
C LEU A 653 -13.08 -3.61 1.01
N ALA A 654 -11.90 -3.00 0.92
CA ALA A 654 -11.70 -1.62 1.38
C ALA A 654 -12.67 -0.65 0.66
N GLU A 655 -12.89 -0.85 -0.62
CA GLU A 655 -13.80 0.00 -1.39
C GLU A 655 -15.24 -0.08 -0.92
N LYS A 656 -15.61 -1.21 -0.31
CA LYS A 656 -16.94 -1.42 0.25
C LYS A 656 -17.08 -0.93 1.71
N VAL A 657 -16.11 -1.25 2.55
CA VAL A 657 -16.26 -0.96 3.99
C VAL A 657 -15.95 0.48 4.36
N ILE A 658 -14.98 1.09 3.67
CA ILE A 658 -14.56 2.44 4.02
C ILE A 658 -15.69 3.47 3.84
N PRO A 659 -16.44 3.43 2.71
CA PRO A 659 -17.60 4.33 2.62
C PRO A 659 -18.69 4.11 3.68
N ALA A 660 -18.73 2.93 4.29
CA ALA A 660 -19.73 2.61 5.27
C ALA A 660 -19.32 2.97 6.71
N ALA A 661 -18.09 3.39 6.92
CA ALA A 661 -17.58 3.55 8.29
C ALA A 661 -18.00 4.87 8.95
N ASP A 662 -18.25 4.83 10.24
CA ASP A 662 -18.46 6.04 11.04
C ASP A 662 -17.20 6.46 11.78
N LEU A 663 -16.46 5.49 12.31
CA LEU A 663 -15.29 5.74 13.13
C LEU A 663 -14.12 4.93 12.60
N SER A 664 -13.03 5.64 12.34
CA SER A 664 -11.79 5.10 11.82
C SER A 664 -10.77 4.95 12.94
N GLU A 665 -10.28 3.72 13.16
CA GLU A 665 -9.37 3.44 14.27
C GLU A 665 -7.96 3.50 13.74
N GLN A 666 -7.19 4.48 14.24
CA GLN A 666 -5.80 4.67 13.79
C GLN A 666 -4.91 4.85 15.02
N ILE A 667 -4.61 3.72 15.66
CA ILE A 667 -4.23 3.72 17.07
C ILE A 667 -2.85 3.08 17.33
N SER A 668 -1.96 3.18 16.35
CA SER A 668 -0.59 2.74 16.50
C SER A 668 0.11 3.52 17.62
N THR A 669 1.07 2.88 18.26
CA THR A 669 1.91 3.55 19.24
C THR A 669 2.65 4.69 18.59
N ALA A 670 2.65 5.88 19.20
CA ALA A 670 3.31 7.04 18.61
C ALA A 670 4.75 6.68 18.21
N GLY A 671 5.13 7.03 16.98
CA GLY A 671 6.47 6.76 16.48
C GLY A 671 6.64 5.51 15.64
N THR A 672 5.57 4.76 15.41
CA THR A 672 5.68 3.47 14.73
C THR A 672 5.06 3.40 13.35
N GLU A 673 3.94 4.10 13.10
CA GLU A 673 3.30 4.06 11.80
C GLU A 673 3.91 5.18 10.99
N ALA A 674 4.73 4.87 9.98
CA ALA A 674 5.49 5.94 9.26
C ALA A 674 4.56 7.01 8.71
N SER A 675 3.44 6.58 8.10
CA SER A 675 2.43 7.49 7.63
C SER A 675 1.04 6.97 7.92
N GLY A 676 0.74 5.80 7.35
CA GLY A 676 -0.61 5.36 7.20
C GLY A 676 -1.17 5.98 5.93
N THR A 677 -2.06 5.24 5.28
CA THR A 677 -2.88 5.75 4.19
C THR A 677 -4.34 5.35 4.30
N GLY A 678 -4.65 4.27 4.99
CA GLY A 678 -6.05 3.97 5.30
C GLY A 678 -6.70 5.13 6.02
N ASN A 679 -5.95 5.74 6.94
CA ASN A 679 -6.43 6.94 7.66
C ASN A 679 -7.03 7.98 6.70
N MET A 680 -6.32 8.25 5.62
CA MET A 680 -6.74 9.26 4.64
C MET A 680 -7.98 8.83 3.87
N LYS A 681 -8.08 7.53 3.56
CA LYS A 681 -9.25 7.00 2.87
C LYS A 681 -10.51 7.21 3.68
N PHE A 682 -10.44 6.96 4.98
CA PHE A 682 -11.59 7.14 5.85
C PHE A 682 -11.98 8.61 5.99
N MET A 683 -11.00 9.50 6.09
CA MET A 683 -11.28 10.94 6.18
C MET A 683 -12.07 11.47 4.97
N LEU A 684 -11.68 11.01 3.80
CA LEU A 684 -12.29 11.43 2.55
C LEU A 684 -13.75 10.95 2.41
N ASN A 685 -14.08 9.85 3.09
CA ASN A 685 -15.33 9.17 2.95
C ASN A 685 -16.31 9.38 4.10
N GLY A 686 -16.02 10.32 4.99
CA GLY A 686 -17.03 10.77 5.96
C GLY A 686 -17.07 9.96 7.25
N ALA A 687 -15.91 9.39 7.63
CA ALA A 687 -15.71 8.87 8.97
C ALA A 687 -14.91 9.86 9.80
N LEU A 688 -15.18 9.86 11.10
CA LEU A 688 -14.33 10.58 12.06
C LEU A 688 -13.24 9.61 12.50
N THR A 689 -12.13 10.17 12.96
CA THR A 689 -10.96 9.42 13.33
C THR A 689 -10.70 9.47 14.85
N ILE A 690 -10.47 8.28 15.41
CA ILE A 690 -9.90 8.16 16.76
C ILE A 690 -8.47 7.67 16.56
N GLY A 691 -7.51 8.45 17.04
CA GLY A 691 -6.14 8.14 16.78
C GLY A 691 -5.11 8.78 17.69
N THR A 692 -3.95 8.18 17.68
CA THR A 692 -2.76 8.74 18.28
C THR A 692 -2.11 9.74 17.35
N MET A 693 -1.19 10.51 17.91
CA MET A 693 -0.43 11.52 17.14
C MET A 693 0.76 10.81 16.50
N ASP A 694 0.44 10.05 15.46
CA ASP A 694 1.40 9.20 14.77
C ASP A 694 1.26 9.34 13.27
N GLY A 695 2.37 9.20 12.55
CA GLY A 695 2.34 9.25 11.11
C GLY A 695 1.58 10.46 10.60
N ALA A 696 0.78 10.24 9.57
CA ALA A 696 0.04 11.33 8.97
C ALA A 696 -1.16 11.77 9.79
N ASN A 697 -1.55 11.02 10.84
CA ASN A 697 -2.63 11.47 11.72
C ASN A 697 -2.34 12.89 12.23
N VAL A 698 -1.08 13.19 12.51
CA VAL A 698 -0.68 14.51 13.00
C VAL A 698 -1.10 15.63 12.02
N GLU A 699 -0.80 15.40 10.75
CA GLU A 699 -1.12 16.36 9.68
C GLU A 699 -2.61 16.41 9.38
N MET A 700 -3.30 15.27 9.50
CA MET A 700 -4.76 15.27 9.32
C MET A 700 -5.46 16.14 10.39
N ALA A 701 -5.05 15.97 11.65
CA ALA A 701 -5.59 16.76 12.77
C ALA A 701 -5.27 18.27 12.59
N GLU A 702 -4.07 18.56 12.10
CA GLU A 702 -3.67 19.93 11.82
C GLU A 702 -4.55 20.55 10.72
N GLU A 703 -4.84 19.81 9.65
CA GLU A 703 -5.68 20.32 8.59
C GLU A 703 -7.12 20.50 9.05
N ALA A 704 -7.68 19.53 9.77
CA ALA A 704 -9.10 19.62 10.16
C ALA A 704 -9.34 20.50 11.39
N GLY A 705 -8.32 20.66 12.23
CA GLY A 705 -8.46 21.25 13.55
C GLY A 705 -8.55 20.12 14.56
N GLU A 706 -7.78 20.22 15.65
CA GLU A 706 -7.75 19.19 16.70
C GLU A 706 -9.10 18.97 17.35
N GLU A 707 -9.93 20.01 17.37
CA GLU A 707 -11.30 19.90 17.89
C GLU A 707 -12.22 19.00 17.04
N ASN A 708 -11.80 18.70 15.81
CA ASN A 708 -12.59 17.87 14.88
C ASN A 708 -12.01 16.47 14.70
N PHE A 709 -11.18 16.08 15.67
CA PHE A 709 -10.44 14.82 15.66
C PHE A 709 -10.46 14.26 17.08
N PHE A 710 -10.52 12.95 17.22
CA PHE A 710 -10.49 12.33 18.53
C PHE A 710 -9.07 11.86 18.82
N ILE A 711 -8.27 12.78 19.33
CA ILE A 711 -6.86 12.49 19.62
C ILE A 711 -6.72 11.97 21.04
N PHE A 712 -5.90 10.94 21.22
CA PHE A 712 -5.60 10.46 22.55
C PHE A 712 -4.19 9.88 22.59
N GLY A 713 -3.74 9.68 23.82
CA GLY A 713 -2.57 8.85 24.08
C GLY A 713 -1.24 9.56 24.11
N MET A 714 -0.22 8.77 24.40
CA MET A 714 1.15 9.26 24.42
C MET A 714 1.54 9.82 23.07
N ARG A 715 2.23 10.96 23.12
CA ARG A 715 2.99 11.50 22.00
C ARG A 715 4.35 10.79 21.95
N VAL A 716 5.09 10.97 20.86
CA VAL A 716 6.45 10.38 20.70
C VAL A 716 7.35 10.66 21.91
N GLU A 717 7.33 11.90 22.38
CA GLU A 717 8.12 12.36 23.52
C GLU A 717 7.75 11.62 24.82
N ASP A 718 6.47 11.27 24.97
CA ASP A 718 5.99 10.54 26.14
C ASP A 718 6.49 9.10 26.06
N VAL A 719 6.51 8.51 24.87
CA VAL A 719 7.02 7.16 24.70
C VAL A 719 8.51 7.11 25.11
N ASP A 720 9.28 8.07 24.64
CA ASP A 720 10.71 8.19 25.00
C ASP A 720 10.91 8.33 26.51
N ARG A 721 10.10 9.16 27.17
CA ARG A 721 10.20 9.32 28.64
C ARG A 721 9.91 8.01 29.37
N LEU A 722 8.91 7.26 28.91
CA LEU A 722 8.62 5.92 29.48
C LEU A 722 9.75 4.92 29.28
N ASP A 723 10.36 4.94 28.09
CA ASP A 723 11.45 4.00 27.78
C ASP A 723 12.67 4.30 28.66
N GLN A 724 12.89 5.57 28.97
CA GLN A 724 14.02 5.97 29.82
C GLN A 724 13.88 5.50 31.25
N ARG A 725 12.70 5.58 31.86
CA ARG A 725 12.52 5.00 33.20
C ARG A 725 12.15 3.51 33.23
N GLY A 726 11.70 2.97 32.10
CA GLY A 726 11.38 1.55 31.95
C GLY A 726 9.87 1.33 32.02
N TYR A 727 9.32 0.72 30.99
CA TYR A 727 7.91 0.41 30.95
C TYR A 727 7.63 -0.79 31.85
N ASN A 728 6.79 -0.59 32.84
CA ASN A 728 6.33 -1.66 33.71
C ASN A 728 4.82 -1.80 33.59
N ALA A 729 4.37 -2.80 32.82
CA ALA A 729 2.94 -3.03 32.61
C ALA A 729 2.17 -3.36 33.89
N GLN A 730 2.85 -3.97 34.86
CA GLN A 730 2.23 -4.38 36.12
C GLN A 730 1.62 -3.16 36.86
N GLU A 731 2.28 -2.01 36.73
CA GLU A 731 1.79 -0.79 37.35
C GLU A 731 0.36 -0.43 36.90
N TYR A 732 0.07 -0.59 35.60
CA TYR A 732 -1.26 -0.28 35.05
C TYR A 732 -2.28 -1.33 35.51
N TYR A 733 -1.88 -2.59 35.50
CA TYR A 733 -2.70 -3.70 36.02
C TYR A 733 -3.11 -3.46 37.48
N ASP A 734 -2.15 -3.04 38.30
CA ASP A 734 -2.41 -2.75 39.71
C ASP A 734 -3.34 -1.55 39.93
N ARG A 735 -3.28 -0.53 39.08
CA ARG A 735 -4.01 0.73 39.31
C ARG A 735 -5.36 0.84 38.64
N ILE A 736 -5.66 -0.03 37.66
CA ILE A 736 -6.86 0.12 36.85
C ILE A 736 -7.70 -1.15 37.00
N PRO A 737 -8.71 -1.14 37.88
CA PRO A 737 -9.55 -2.33 38.12
C PRO A 737 -10.18 -2.93 36.86
N GLU A 738 -10.66 -2.07 35.95
CA GLU A 738 -11.30 -2.54 34.71
C GLU A 738 -10.32 -3.32 33.84
N LEU A 739 -9.06 -2.89 33.83
CA LEU A 739 -8.01 -3.57 33.09
C LEU A 739 -7.64 -4.90 33.73
N ARG A 740 -7.54 -4.94 35.05
CA ARG A 740 -7.27 -6.17 35.78
C ARG A 740 -8.35 -7.22 35.51
N GLN A 741 -9.62 -6.81 35.53
CA GLN A 741 -10.72 -7.74 35.20
C GLN A 741 -10.53 -8.41 33.83
N ILE A 742 -10.12 -7.63 32.84
CA ILE A 742 -9.98 -8.17 31.48
C ILE A 742 -8.86 -9.21 31.43
N ILE A 743 -7.74 -8.90 32.06
CA ILE A 743 -6.59 -9.80 32.07
C ILE A 743 -6.94 -11.09 32.82
N GLU A 744 -7.66 -10.99 33.91
CA GLU A 744 -8.15 -12.16 34.63
C GLU A 744 -9.11 -13.01 33.77
N GLN A 745 -9.98 -12.37 32.99
CA GLN A 745 -10.87 -13.09 32.07
C GLN A 745 -10.08 -13.83 30.98
N LEU A 746 -9.11 -13.17 30.37
CA LEU A 746 -8.23 -13.78 29.35
C LEU A 746 -7.45 -14.99 29.91
N SER A 747 -6.84 -14.79 31.08
CA SER A 747 -6.03 -15.82 31.75
C SER A 747 -6.80 -17.05 32.13
N SER A 748 -8.03 -16.86 32.60
CA SER A 748 -8.78 -17.93 33.24
C SER A 748 -9.66 -18.72 32.28
N GLY A 749 -9.71 -18.32 31.00
CA GLY A 749 -10.45 -19.09 30.00
C GLY A 749 -11.87 -18.64 29.74
N PHE A 750 -12.21 -17.42 30.15
CA PHE A 750 -13.54 -16.87 29.92
C PHE A 750 -13.87 -16.81 28.41
N PHE A 751 -12.90 -16.44 27.59
CA PHE A 751 -13.07 -16.40 26.13
C PHE A 751 -12.60 -17.66 25.40
N SER A 752 -12.28 -18.73 26.13
CA SER A 752 -11.88 -20.01 25.52
C SER A 752 -12.15 -21.16 26.52
N PRO A 753 -13.44 -21.42 26.82
CA PRO A 753 -13.79 -22.37 27.88
C PRO A 753 -13.22 -23.78 27.68
N LYS A 754 -13.13 -24.23 26.43
CA LYS A 754 -12.59 -25.56 26.11
C LYS A 754 -11.06 -25.63 26.23
N GLN A 755 -10.36 -24.53 25.98
CA GLN A 755 -8.90 -24.47 26.08
C GLN A 755 -8.55 -23.27 26.97
N PRO A 756 -8.63 -23.43 28.30
CA PRO A 756 -8.46 -22.29 29.22
C PRO A 756 -7.15 -21.49 29.13
N ASP A 757 -6.06 -22.14 28.73
CA ASP A 757 -4.77 -21.46 28.59
C ASP A 757 -4.47 -20.95 27.16
N LEU A 758 -5.48 -20.90 26.29
CA LEU A 758 -5.26 -20.59 24.88
C LEU A 758 -4.59 -19.25 24.66
N PHE A 759 -4.93 -18.25 25.48
CA PHE A 759 -4.41 -16.89 25.30
C PHE A 759 -3.26 -16.52 26.23
N LYS A 760 -2.59 -17.52 26.82
CA LYS A 760 -1.52 -17.21 27.80
C LYS A 760 -0.32 -16.50 27.17
N ASP A 761 0.00 -16.77 25.90
CA ASP A 761 1.07 -16.03 25.21
C ASP A 761 0.73 -14.53 25.08
N ILE A 762 -0.53 -14.22 24.80
CA ILE A 762 -0.99 -12.81 24.69
C ILE A 762 -0.86 -12.10 26.05
N VAL A 763 -1.36 -12.74 27.10
CA VAL A 763 -1.28 -12.21 28.46
C VAL A 763 0.17 -12.01 28.87
N ASN A 764 1.01 -13.01 28.62
CA ASN A 764 2.44 -12.93 28.99
CA ASN A 764 2.40 -12.89 29.04
C ASN A 764 3.11 -11.78 28.26
N MET A 765 2.81 -11.63 26.98
CA MET A 765 3.36 -10.54 26.21
C MET A 765 2.92 -9.19 26.77
N LEU A 766 1.61 -9.01 27.00
CA LEU A 766 1.11 -7.71 27.52
C LEU A 766 1.71 -7.33 28.88
N MET A 767 1.83 -8.32 29.76
CA MET A 767 2.35 -8.11 31.11
C MET A 767 3.87 -7.96 31.19
N HIS A 768 4.62 -8.62 30.32
CA HIS A 768 6.10 -8.71 30.49
C HIS A 768 6.99 -8.26 29.36
N HIS A 769 6.52 -8.26 28.10
CA HIS A 769 7.40 -7.80 27.01
C HIS A 769 6.67 -7.13 25.87
N ASP A 770 5.89 -6.13 26.24
CA ASP A 770 5.11 -5.40 25.26
C ASP A 770 5.95 -4.22 24.79
N ARG A 771 6.47 -4.31 23.57
CA ARG A 771 7.24 -3.22 22.97
C ARG A 771 6.36 -2.02 22.60
N PHE A 772 5.05 -2.23 22.52
CA PHE A 772 4.15 -1.19 22.01
C PHE A 772 3.21 -0.54 23.05
N LYS A 773 3.42 -0.88 24.32
CA LYS A 773 2.86 -0.13 25.46
C LYS A 773 1.33 -0.01 25.40
N VAL A 774 0.67 -1.14 25.16
CA VAL A 774 -0.79 -1.20 25.06
C VAL A 774 -1.46 -0.67 26.31
N PHE A 775 -1.01 -1.10 27.49
CA PHE A 775 -1.64 -0.70 28.72
C PHE A 775 -1.48 0.80 28.99
N ALA A 776 -0.38 1.40 28.52
CA ALA A 776 -0.09 2.80 28.78
C ALA A 776 -1.07 3.77 28.12
N ASP A 777 -1.70 3.37 27.02
CA ASP A 777 -2.70 4.20 26.38
C ASP A 777 -4.15 3.78 26.66
N TYR A 778 -4.36 2.77 27.49
CA TYR A 778 -5.70 2.19 27.71
C TYR A 778 -6.69 3.18 28.31
N GLU A 779 -6.31 3.80 29.43
CA GLU A 779 -7.22 4.73 30.09
C GLU A 779 -7.65 5.89 29.19
N GLU A 780 -6.69 6.55 28.54
CA GLU A 780 -7.01 7.67 27.66
C GLU A 780 -7.83 7.23 26.45
N TYR A 781 -7.58 6.02 25.97
CA TYR A 781 -8.35 5.48 24.83
C TYR A 781 -9.82 5.26 25.19
N VAL A 782 -10.06 4.62 26.34
CA VAL A 782 -11.43 4.35 26.77
C VAL A 782 -12.20 5.66 26.98
N LYS A 783 -11.57 6.62 27.65
CA LYS A 783 -12.17 7.95 27.86
C LYS A 783 -12.49 8.65 26.55
N CYS A 784 -11.55 8.60 25.62
CA CYS A 784 -11.77 9.20 24.29
C CYS A 784 -12.94 8.53 23.53
N GLN A 785 -13.03 7.20 23.61
CA GLN A 785 -14.16 6.45 23.06
C GLN A 785 -15.50 6.87 23.66
N GLU A 786 -15.52 7.24 24.95
CA GLU A 786 -16.75 7.78 25.56
C GLU A 786 -17.15 9.11 24.92
N ARG A 787 -16.19 9.97 24.59
CA ARG A 787 -16.49 11.21 23.89
C ARG A 787 -17.06 10.96 22.46
N VAL A 788 -16.58 9.90 21.81
CA VAL A 788 -17.10 9.52 20.48
C VAL A 788 -18.57 9.20 20.57
N SER A 789 -18.90 8.31 21.52
CA SER A 789 -20.26 7.88 21.75
C SER A 789 -21.18 9.06 22.08
N ALA A 790 -20.71 9.97 22.91
CA ALA A 790 -21.48 11.15 23.26
C ALA A 790 -21.82 11.96 22.02
N LEU A 791 -20.84 12.17 21.15
CA LEU A 791 -21.10 12.92 19.92
C LEU A 791 -22.04 12.20 18.95
N TYR A 792 -21.93 10.88 18.88
CA TYR A 792 -22.80 10.10 17.99
C TYR A 792 -24.29 10.23 18.31
N LYS A 793 -24.61 10.44 19.58
CA LYS A 793 -25.98 10.75 20.04
C LYS A 793 -26.61 12.02 19.48
N ASN A 794 -25.78 12.94 18.98
CA ASN A 794 -26.24 14.19 18.38
C ASN A 794 -25.89 14.17 16.87
N PRO A 795 -26.72 13.49 16.06
CA PRO A 795 -26.37 13.27 14.64
C PRO A 795 -26.08 14.55 13.85
N ARG A 796 -26.76 15.65 14.16
CA ARG A 796 -26.50 16.92 13.47
C ARG A 796 -25.05 17.38 13.72
N GLU A 797 -24.59 17.32 14.97
CA GLU A 797 -23.24 17.78 15.30
C GLU A 797 -22.17 16.78 14.84
N TRP A 798 -22.48 15.49 14.91
CA TRP A 798 -21.62 14.47 14.31
C TRP A 798 -21.39 14.79 12.82
N THR A 799 -22.47 15.00 12.09
CA THR A 799 -22.39 15.28 10.66
C THR A 799 -21.67 16.59 10.34
N ARG A 800 -21.87 17.62 11.16
CA ARG A 800 -21.12 18.86 10.97
C ARG A 800 -19.62 18.63 11.13
N MET A 801 -19.21 17.84 12.12
CA MET A 801 -17.79 17.52 12.27
C MET A 801 -17.24 16.71 11.08
N VAL A 802 -18.04 15.77 10.57
CA VAL A 802 -17.72 15.03 9.34
C VAL A 802 -17.46 16.00 8.18
N ILE A 803 -18.34 16.98 7.98
CA ILE A 803 -18.17 17.94 6.89
C ILE A 803 -16.82 18.67 7.02
N ARG A 804 -16.47 19.05 8.24
CA ARG A 804 -15.18 19.71 8.50
C ARG A 804 -13.98 18.82 8.18
N ASN A 805 -14.12 17.51 8.34
CA ASN A 805 -13.08 16.55 7.94
C ASN A 805 -12.98 16.41 6.42
N ILE A 806 -14.11 16.17 5.76
CA ILE A 806 -14.10 15.96 4.30
C ILE A 806 -13.56 17.22 3.64
N ALA A 807 -14.04 18.37 4.12
CA ALA A 807 -13.64 19.68 3.56
C ALA A 807 -12.14 19.99 3.62
N THR A 808 -11.43 19.41 4.57
CA THR A 808 -9.98 19.69 4.78
C THR A 808 -9.10 18.50 4.40
N SER A 809 -9.66 17.54 3.67
CA SER A 809 -8.91 16.34 3.30
C SER A 809 -8.06 16.53 2.02
N GLY A 810 -8.15 17.71 1.39
CA GLY A 810 -7.51 17.97 0.10
C GLY A 810 -6.00 17.75 0.05
N LYS A 811 -5.31 18.09 1.16
CA LYS A 811 -3.86 17.90 1.24
C LYS A 811 -3.47 16.43 0.98
N PHE A 812 -4.38 15.50 1.24
CA PHE A 812 -4.06 14.08 1.20
C PHE A 812 -4.31 13.39 -0.12
N SER A 813 -4.53 14.18 -1.16
CA SER A 813 -4.49 13.69 -2.53
C SER A 813 -3.07 13.31 -2.94
N SER A 814 -2.92 12.14 -3.55
CA SER A 814 -1.64 11.73 -4.11
C SER A 814 -1.21 12.63 -5.27
N ASP A 815 -2.14 13.40 -5.85
CA ASP A 815 -1.76 14.42 -6.84
C ASP A 815 -0.87 15.47 -6.22
N ARG A 816 -1.16 15.84 -4.97
CA ARG A 816 -0.33 16.79 -4.25
C ARG A 816 1.03 16.14 -3.99
N THR A 817 1.05 14.92 -3.48
CA THR A 817 2.28 14.23 -3.19
C THR A 817 3.17 14.15 -4.44
N ILE A 818 2.60 13.68 -5.53
CA ILE A 818 3.35 13.53 -6.78
C ILE A 818 3.88 14.86 -7.34
N ALA A 819 3.11 15.94 -7.26
CA ALA A 819 3.62 17.24 -7.69
C ALA A 819 4.85 17.66 -6.90
N GLN A 820 4.89 17.31 -5.61
CA GLN A 820 6.05 17.61 -4.76
C GLN A 820 7.27 16.78 -5.15
N TYR A 821 7.10 15.47 -5.32
CA TYR A 821 8.19 14.64 -5.86
C TYR A 821 8.72 15.21 -7.19
N ALA A 822 7.80 15.53 -8.10
CA ALA A 822 8.16 16.00 -9.43
C ALA A 822 9.01 17.29 -9.36
N ARG A 823 8.56 18.26 -8.59
CA ARG A 823 9.26 19.54 -8.50
C ARG A 823 10.52 19.48 -7.63
N GLU A 824 10.48 18.75 -6.51
CA GLU A 824 11.54 18.86 -5.48
C GLU A 824 12.57 17.74 -5.58
N ILE A 825 12.23 16.64 -6.27
CA ILE A 825 13.16 15.52 -6.43
C ILE A 825 13.51 15.23 -7.88
N TRP A 826 12.51 15.08 -8.73
CA TRP A 826 12.74 14.62 -10.11
C TRP A 826 13.10 15.72 -11.07
N GLY A 827 12.78 16.98 -10.72
CA GLY A 827 13.06 18.10 -11.60
C GLY A 827 12.21 18.18 -12.85
N VAL A 828 10.94 17.85 -12.74
CA VAL A 828 10.00 17.91 -13.89
C VAL A 828 8.75 18.64 -13.45
N GLU A 829 8.09 19.29 -14.41
CA GLU A 829 6.91 20.08 -14.11
C GLU A 829 5.65 19.23 -14.44
N PRO A 830 4.73 19.08 -13.48
CA PRO A 830 3.46 18.43 -13.80
C PRO A 830 2.61 19.26 -14.80
N SER A 831 1.64 18.60 -15.45
CA SER A 831 0.78 19.24 -16.44
C SER A 831 -0.63 18.66 -16.36
N ARG A 832 -1.65 19.53 -16.42
CA ARG A 832 -3.05 19.09 -16.52
C ARG A 832 -3.59 19.12 -17.96
N GLN A 833 -2.71 19.45 -18.92
CA GLN A 833 -3.02 19.48 -20.37
C GLN A 833 -3.46 18.10 -20.90
N ARG A 834 -4.54 18.12 -21.68
CA ARG A 834 -5.05 16.95 -22.41
C ARG A 834 -4.15 16.67 -23.61
N LEU A 835 -3.85 15.39 -23.86
CA LEU A 835 -3.40 14.96 -25.18
C LEU A 835 -4.63 14.89 -26.08
N PRO A 836 -4.46 14.97 -27.42
CA PRO A 836 -5.61 14.81 -28.33
C PRO A 836 -6.18 13.38 -28.28
N ALA A 837 -7.51 13.27 -28.43
CA ALA A 837 -8.25 12.01 -28.18
C ALA A 837 -8.10 10.94 -29.28
C1A B1H B . 5.40 0.10 5.03
C4A B1H B . 6.72 -1.58 4.63
C6A B1H B . 7.09 -2.92 4.10
N2 B1H B . 6.62 0.37 5.54
C8 B1H B . 8.72 -4.68 3.99
N3 B1H B . 7.46 -0.70 5.29
C9 B1H B . 7.89 -5.41 3.13
C7 B1H B . 8.33 -3.44 4.47
O13 B1H B . 9.58 -7.10 2.86
N12 B1H B . 8.29 -6.68 2.66
O14 B1H B . 7.41 -7.51 2.00
C10 B1H B . 6.66 -4.90 2.77
C11 B1H B . 6.26 -3.65 3.24
N5 B1H B . 5.45 -1.13 4.47
C1 B1H B . 4.22 0.99 5.08
O5 B1H B . 4.39 1.94 4.02
C2 B1H B . 4.16 1.75 6.41
O2 B1H B . 4.04 0.85 7.52
C3 B1H B . 2.99 2.74 6.43
O3 B1H B . 3.06 3.58 7.60
C4 B1H B . 3.03 3.63 5.21
O4 B1H B . 1.82 4.41 5.08
C5 B1H B . 3.25 2.81 3.92
C6 B1H B . 3.43 3.69 2.70
O6 B1H B . 4.44 4.69 2.87
N1 PLP C . -4.42 -2.69 2.84
C2 PLP C . -5.33 -2.33 1.93
C2A PLP C . -6.08 -3.37 1.15
C3 PLP C . -5.54 -0.92 1.62
O3 PLP C . -6.45 -0.48 0.69
C4 PLP C . -4.81 0.06 2.41
C4A PLP C . -4.95 1.53 2.19
C5 PLP C . -3.84 -0.44 3.38
C6 PLP C . -3.73 -1.80 3.59
C5A PLP C . -3.06 0.53 4.26
O4P PLP C . -3.84 0.77 5.44
P PLP C . -3.08 1.35 6.76
O1P PLP C . -4.25 1.51 7.70
O2P PLP C . -2.09 0.31 7.15
O3P PLP C . -2.45 2.65 6.34
P IMP D . 9.52 1.67 -25.77
O1P IMP D . 9.74 3.04 -25.18
O2P IMP D . 10.55 1.34 -26.83
O3P IMP D . 9.31 0.57 -24.76
O5' IMP D . 8.08 1.70 -26.52
C5' IMP D . 7.49 2.86 -27.12
C4' IMP D . 7.99 2.98 -28.57
O4' IMP D . 8.30 4.35 -28.88
C3' IMP D . 7.08 2.45 -29.69
O3' IMP D . 5.77 2.02 -29.29
C2' IMP D . 7.06 3.59 -30.71
O2' IMP D . 5.81 4.31 -30.74
C1' IMP D . 8.19 4.53 -30.30
N9 IMP D . 9.45 4.16 -31.00
C8 IMP D . 10.56 3.55 -30.49
N7 IMP D . 11.52 3.38 -31.45
C5 IMP D . 11.03 3.86 -32.59
C6 IMP D . 11.50 4.00 -34.00
O6 IMP D . 12.64 3.59 -34.33
N1 IMP D . 10.68 4.57 -34.90
C2 IMP D . 9.45 5.03 -34.57
N3 IMP D . 8.95 4.94 -33.32
C4 IMP D . 9.68 4.38 -32.30
#